data_6C3B
#
_entry.id   6C3B
#
_cell.length_a   79.380
_cell.length_b   112.410
_cell.length_c   102.160
_cell.angle_alpha   90.000
_cell.angle_beta   95.770
_cell.angle_gamma   90.000
#
_symmetry.space_group_name_H-M   'C 1 2 1'
#
loop_
_entity.id
_entity.type
_entity.pdbx_description
1 polymer 'Uncharacterized protein'
2 non-polymer 1,2-ETHANEDIOL
3 non-polymer 'TRIETHYLENE GLYCOL'
4 water water
#
_entity_poly.entity_id   1
_entity_poly.type   'polypeptide(L)'
_entity_poly.pdbx_seq_one_letter_code
;MGSSHHHHHHSSGLVPRGSHMHPQATPAPGAPLLDLTQHEIQALTMKYNLADAHTHQRQSASQQSIVSRLPQLWYEAEEG
LQATYEKRFTEAFFQLHRQPTALVKNKTMLSYAASISTMVAGMFLKKERLAVTLIEPCFDNLYDVLANMDVPLYPIDESV
FYDVDRIYPELERRVRTDALFLVDPNNPTGFSLLRHGRKGFEEVVRFCKDHDKLLLIDFCFASFTLFEPELARFDMYELL
ENSGVRYLAIEDTG(LLP)TWPVQDAKCALITASDDIWETVYNLHTSVLLNVSPFVLNMLTQYVRDSAADRLASVREVLT
RNRECARKTLDGSILEYQEPVVKVSVAWFRVDHPELTATDVHRLLSADGVYVLPGRYFYWSEPSKGDAYVRMALAREPEM
FADAMALTRQVLDRHGR
;
_entity_poly.pdbx_strand_id   A,B
#
# COMPACT_ATOMS: atom_id res chain seq x y z
N LYS A 47 -22.49 11.92 -14.23
CA LYS A 47 -23.54 11.19 -13.52
C LYS A 47 -23.29 9.69 -13.56
N TYR A 48 -22.63 9.23 -14.62
CA TYR A 48 -22.43 7.80 -14.86
C TYR A 48 -20.95 7.52 -15.06
N ASN A 49 -20.29 7.05 -14.01
CA ASN A 49 -18.86 6.74 -14.05
C ASN A 49 -18.71 5.30 -14.57
N LEU A 50 -18.30 5.16 -15.83
CA LEU A 50 -17.95 3.88 -16.40
C LEU A 50 -16.45 3.82 -16.71
N ALA A 51 -15.65 4.53 -15.93
CA ALA A 51 -14.22 4.64 -16.19
C ALA A 51 -13.45 3.60 -15.39
N ASP A 52 -13.35 3.79 -14.06
CA ASP A 52 -12.48 2.92 -13.29
C ASP A 52 -13.09 1.53 -13.14
N ALA A 53 -12.24 0.51 -13.22
CA ALA A 53 -12.73 -0.85 -13.17
C ALA A 53 -13.02 -1.32 -11.76
N HIS A 54 -12.76 -0.49 -10.76
CA HIS A 54 -13.03 -0.87 -9.38
C HIS A 54 -14.50 -1.24 -9.22
N THR A 55 -14.77 -2.10 -8.25
CA THR A 55 -16.11 -2.62 -8.04
C THR A 55 -16.98 -1.58 -7.33
N HIS A 56 -18.15 -1.29 -7.92
CA HIS A 56 -19.11 -0.38 -7.32
C HIS A 56 -20.52 -0.93 -7.29
N GLN A 57 -20.70 -2.21 -7.62
CA GLN A 57 -22.01 -2.84 -7.43
C GLN A 57 -22.29 -3.02 -5.94
N ARG A 58 -23.56 -3.21 -5.60
CA ARG A 58 -23.95 -3.39 -4.22
C ARG A 58 -23.72 -4.83 -3.79
N GLN A 59 -24.00 -5.10 -2.52
CA GLN A 59 -23.84 -6.42 -1.93
C GLN A 59 -24.98 -7.34 -2.32
N SER A 60 -24.65 -8.62 -2.53
CA SER A 60 -25.65 -9.68 -2.62
C SER A 60 -26.28 -9.92 -1.25
N ALA A 61 -27.37 -10.70 -1.23
CA ALA A 61 -28.04 -11.01 0.04
C ALA A 61 -27.08 -11.68 1.02
N SER A 62 -26.31 -12.67 0.55
CA SER A 62 -25.39 -13.31 1.48
C SER A 62 -24.20 -12.42 1.81
N GLN A 63 -23.83 -11.51 0.90
CA GLN A 63 -22.77 -10.56 1.24
C GLN A 63 -23.25 -9.55 2.27
N GLN A 64 -24.55 -9.20 2.28
CA GLN A 64 -25.04 -8.33 3.34
C GLN A 64 -24.91 -9.00 4.70
N SER A 65 -24.93 -10.34 4.74
CA SER A 65 -24.69 -11.03 5.99
C SER A 65 -23.24 -10.90 6.46
N ILE A 66 -22.28 -10.84 5.53
CA ILE A 66 -20.91 -10.56 5.93
C ILE A 66 -20.82 -9.17 6.55
N VAL A 67 -21.42 -8.17 5.89
CA VAL A 67 -21.40 -6.81 6.40
C VAL A 67 -21.95 -6.77 7.83
N SER A 68 -23.04 -7.51 8.09
CA SER A 68 -23.63 -7.50 9.43
C SER A 68 -22.71 -8.08 10.49
N ARG A 69 -21.72 -8.87 10.09
CA ARG A 69 -20.79 -9.52 11.00
C ARG A 69 -19.48 -8.75 11.15
N LEU A 70 -19.35 -7.59 10.51
CA LEU A 70 -18.10 -6.84 10.60
C LEU A 70 -17.66 -6.58 12.04
N PRO A 71 -18.54 -6.26 13.00
CA PRO A 71 -18.06 -6.10 14.39
C PRO A 71 -17.42 -7.35 14.95
N GLN A 72 -18.02 -8.53 14.72
CA GLN A 72 -17.41 -9.76 15.18
C GLN A 72 -16.11 -10.06 14.43
N LEU A 73 -16.07 -9.79 13.12
CA LEU A 73 -14.83 -10.00 12.37
C LEU A 73 -13.72 -9.12 12.91
N TRP A 74 -14.05 -7.91 13.37
CA TRP A 74 -13.09 -7.02 13.99
C TRP A 74 -12.54 -7.62 15.29
N TYR A 75 -13.44 -7.99 16.20
CA TYR A 75 -13.01 -8.48 17.50
C TYR A 75 -12.30 -9.82 17.41
N GLU A 76 -12.70 -10.68 16.46
CA GLU A 76 -11.98 -11.93 16.22
C GLU A 76 -10.53 -11.66 15.85
N ALA A 77 -10.31 -10.73 14.91
CA ALA A 77 -8.95 -10.43 14.46
C ALA A 77 -8.11 -9.82 15.57
N GLU A 78 -8.76 -9.08 16.48
CA GLU A 78 -8.05 -8.50 17.61
C GLU A 78 -7.53 -9.58 18.56
N GLU A 79 -8.34 -10.61 18.82
CA GLU A 79 -7.96 -11.67 19.74
C GLU A 79 -7.08 -12.74 19.10
N GLY A 80 -7.13 -12.92 17.78
CA GLY A 80 -6.40 -13.98 17.14
C GLY A 80 -4.99 -13.57 16.72
N LEU A 81 -4.27 -14.54 16.17
CA LEU A 81 -2.90 -14.32 15.72
C LEU A 81 -2.88 -13.87 14.26
N GLN A 82 -2.00 -12.90 13.97
CA GLN A 82 -1.87 -12.41 12.60
C GLN A 82 -1.65 -13.55 11.62
N ALA A 83 -0.78 -14.50 11.97
CA ALA A 83 -0.45 -15.58 11.05
C ALA A 83 -1.66 -16.46 10.77
N THR A 84 -2.56 -16.60 11.74
CA THR A 84 -3.80 -17.36 11.54
C THR A 84 -4.63 -16.77 10.42
N TYR A 85 -4.82 -15.45 10.44
CA TYR A 85 -5.65 -14.82 9.43
C TYR A 85 -4.95 -14.79 8.07
N GLU A 86 -3.62 -14.71 8.05
CA GLU A 86 -2.91 -14.83 6.78
C GLU A 86 -3.11 -16.22 6.20
N LYS A 87 -2.98 -17.25 7.03
CA LYS A 87 -3.10 -18.62 6.55
C LYS A 87 -4.52 -18.91 6.07
N ARG A 88 -5.53 -18.54 6.86
CA ARG A 88 -6.90 -18.81 6.46
C ARG A 88 -7.27 -18.08 5.17
N PHE A 89 -6.77 -16.86 4.99
CA PHE A 89 -7.07 -16.14 3.76
C PHE A 89 -6.39 -16.80 2.57
N THR A 90 -5.10 -17.09 2.69
CA THR A 90 -4.35 -17.66 1.57
C THR A 90 -4.92 -19.02 1.19
N GLU A 91 -5.27 -19.84 2.19
CA GLU A 91 -5.90 -21.13 1.92
C GLU A 91 -7.23 -20.95 1.19
N ALA A 92 -8.11 -20.07 1.69
CA ALA A 92 -9.40 -19.89 1.02
C ALA A 92 -9.21 -19.41 -0.41
N PHE A 93 -8.28 -18.46 -0.60
CA PHE A 93 -8.05 -17.88 -1.92
C PHE A 93 -7.59 -18.93 -2.92
N PHE A 94 -6.53 -19.68 -2.58
CA PHE A 94 -6.01 -20.64 -3.55
C PHE A 94 -6.85 -21.91 -3.62
N GLN A 95 -7.71 -22.16 -2.64
CA GLN A 95 -8.72 -23.22 -2.81
C GLN A 95 -9.75 -22.80 -3.85
N LEU A 96 -10.28 -21.56 -3.74
CA LEU A 96 -11.26 -21.10 -4.73
C LEU A 96 -10.67 -21.09 -6.13
N HIS A 97 -9.43 -20.60 -6.25
CA HIS A 97 -8.76 -20.51 -7.55
C HIS A 97 -8.16 -21.83 -8.02
N ARG A 98 -8.20 -22.88 -7.19
CA ARG A 98 -7.72 -24.23 -7.55
C ARG A 98 -6.25 -24.20 -7.95
N GLN A 99 -5.44 -23.61 -7.07
CA GLN A 99 -3.99 -23.54 -7.19
C GLN A 99 -3.34 -24.28 -6.03
N PRO A 100 -3.51 -25.60 -5.94
CA PRO A 100 -3.01 -26.30 -4.75
C PRO A 100 -1.51 -26.25 -4.59
N THR A 101 -0.75 -26.18 -5.70
CA THR A 101 0.70 -26.11 -5.57
C THR A 101 1.13 -24.87 -4.77
N ALA A 102 0.41 -23.76 -4.89
CA ALA A 102 0.78 -22.56 -4.15
C ALA A 102 0.68 -22.80 -2.65
N LEU A 103 -0.29 -23.61 -2.22
CA LEU A 103 -0.43 -23.87 -0.79
C LEU A 103 0.61 -24.86 -0.29
N VAL A 104 1.08 -25.77 -1.15
CA VAL A 104 2.15 -26.67 -0.75
C VAL A 104 3.45 -25.88 -0.54
N LYS A 105 3.79 -25.01 -1.49
CA LYS A 105 5.02 -24.23 -1.35
C LYS A 105 4.95 -23.24 -0.20
N ASN A 106 3.75 -22.68 0.05
CA ASN A 106 3.49 -21.83 1.20
C ASN A 106 4.55 -20.73 1.33
N LYS A 107 4.74 -19.98 0.25
CA LYS A 107 5.75 -18.92 0.22
C LYS A 107 5.17 -17.60 -0.31
N THR A 108 3.85 -17.47 -0.32
CA THR A 108 3.19 -16.30 -0.88
C THR A 108 3.13 -15.16 0.13
N MET A 109 3.34 -13.94 -0.35
CA MET A 109 3.36 -12.75 0.50
CA MET A 109 3.32 -12.79 0.54
C MET A 109 2.19 -11.84 0.18
N LEU A 110 1.62 -11.22 1.21
CA LEU A 110 0.41 -10.42 1.09
C LEU A 110 0.71 -8.93 1.19
N SER A 111 0.05 -8.13 0.35
CA SER A 111 0.20 -6.66 0.43
C SER A 111 -1.14 -5.96 0.26
N TYR A 112 -1.10 -4.63 0.37
CA TYR A 112 -2.31 -3.82 0.37
C TYR A 112 -3.04 -3.86 -0.96
N ALA A 113 -2.32 -4.06 -2.07
CA ALA A 113 -2.92 -3.93 -3.38
C ALA A 113 -1.97 -4.47 -4.43
N ALA A 114 -2.53 -4.81 -5.60
CA ALA A 114 -1.70 -5.39 -6.65
C ALA A 114 -0.60 -4.43 -7.09
N SER A 115 -0.88 -3.12 -7.09
CA SER A 115 0.17 -2.17 -7.46
C SER A 115 1.32 -2.18 -6.47
N ILE A 116 1.04 -2.47 -5.19
CA ILE A 116 2.13 -2.56 -4.22
C ILE A 116 2.99 -3.79 -4.49
N SER A 117 2.35 -4.94 -4.76
CA SER A 117 3.08 -6.12 -5.19
C SER A 117 3.90 -5.82 -6.43
N THR A 118 3.35 -5.02 -7.34
CA THR A 118 4.07 -4.67 -8.57
C THR A 118 5.28 -3.80 -8.25
N MET A 119 5.18 -2.91 -7.27
CA MET A 119 6.36 -2.12 -6.91
C MET A 119 7.44 -2.97 -6.27
N VAL A 120 7.07 -4.00 -5.52
CA VAL A 120 8.08 -4.95 -5.04
C VAL A 120 8.78 -5.63 -6.21
N ALA A 121 8.01 -6.09 -7.19
CA ALA A 121 8.61 -6.64 -8.41
C ALA A 121 9.51 -5.61 -9.09
N GLY A 122 9.08 -4.33 -9.12
CA GLY A 122 9.91 -3.27 -9.68
C GLY A 122 11.24 -3.10 -8.98
N MET A 123 11.25 -3.17 -7.65
CA MET A 123 12.53 -3.10 -6.93
C MET A 123 13.44 -4.25 -7.30
N PHE A 124 12.88 -5.46 -7.48
CA PHE A 124 13.69 -6.60 -7.89
C PHE A 124 14.26 -6.39 -9.29
N LEU A 125 13.41 -5.95 -10.23
CA LEU A 125 13.87 -5.65 -11.59
C LEU A 125 15.02 -4.66 -11.59
N LYS A 126 14.91 -3.60 -10.79
CA LYS A 126 15.98 -2.60 -10.77
CA LYS A 126 15.98 -2.60 -10.77
C LYS A 126 17.25 -3.16 -10.14
N LYS A 127 17.12 -3.93 -9.05
CA LYS A 127 18.30 -4.48 -8.40
C LYS A 127 19.09 -5.37 -9.35
N GLU A 128 18.39 -6.10 -10.19
CA GLU A 128 18.99 -7.06 -11.10
C GLU A 128 19.26 -6.49 -12.48
N ARG A 129 19.00 -5.19 -12.68
CA ARG A 129 19.27 -4.49 -13.95
C ARG A 129 18.49 -5.10 -15.11
N LEU A 130 17.25 -5.51 -14.84
CA LEU A 130 16.40 -6.15 -15.83
C LEU A 130 15.49 -5.12 -16.49
N ALA A 131 15.44 -5.16 -17.82
CA ALA A 131 14.43 -4.44 -18.58
C ALA A 131 13.24 -5.36 -18.84
N VAL A 132 12.09 -4.76 -19.12
CA VAL A 132 10.83 -5.49 -19.23
C VAL A 132 10.26 -5.35 -20.62
N THR A 133 9.89 -6.47 -21.22
CA THR A 133 8.98 -6.47 -22.36
C THR A 133 7.58 -6.66 -21.80
N LEU A 134 6.72 -5.65 -21.96
CA LEU A 134 5.41 -5.57 -21.34
C LEU A 134 4.31 -5.67 -22.38
N ILE A 135 3.25 -6.42 -22.04
CA ILE A 135 2.09 -6.56 -22.91
C ILE A 135 1.49 -5.19 -23.27
N GLU A 136 1.06 -5.07 -24.52
CA GLU A 136 0.32 -3.89 -25.01
C GLU A 136 -0.82 -4.42 -25.88
N PRO A 137 -2.05 -3.92 -25.70
CA PRO A 137 -2.44 -2.92 -24.71
C PRO A 137 -2.48 -3.49 -23.32
N CYS A 138 -2.45 -2.59 -22.35
CA CYS A 138 -2.57 -2.94 -20.96
CA CYS A 138 -2.47 -2.92 -20.94
C CYS A 138 -2.91 -1.67 -20.21
N PHE A 139 -3.60 -1.84 -19.08
CA PHE A 139 -3.95 -0.66 -18.29
C PHE A 139 -2.69 0.12 -17.96
N ASP A 140 -2.69 1.43 -18.26
CA ASP A 140 -1.40 2.12 -18.33
C ASP A 140 -0.80 2.44 -16.97
N ASN A 141 -1.57 2.32 -15.88
CA ASN A 141 -0.95 2.48 -14.57
C ASN A 141 0.16 1.47 -14.36
N LEU A 142 0.05 0.29 -15.00
CA LEU A 142 1.13 -0.69 -14.91
C LEU A 142 2.39 -0.17 -15.58
N TYR A 143 2.28 0.34 -16.81
CA TYR A 143 3.41 1.01 -17.44
C TYR A 143 3.92 2.14 -16.55
N ASP A 144 3.01 2.96 -16.04
CA ASP A 144 3.42 4.18 -15.35
C ASP A 144 4.21 3.88 -14.08
N VAL A 145 3.75 2.92 -13.30
CA VAL A 145 4.43 2.65 -12.03
C VAL A 145 5.81 2.07 -12.30
N LEU A 146 5.93 1.20 -13.32
CA LEU A 146 7.25 0.67 -13.65
C LEU A 146 8.14 1.74 -14.25
N ALA A 147 7.58 2.60 -15.12
CA ALA A 147 8.39 3.69 -15.68
C ALA A 147 8.79 4.68 -14.59
N ASN A 148 7.92 4.89 -13.60
CA ASN A 148 8.27 5.81 -12.53
C ASN A 148 9.34 5.24 -11.62
N MET A 149 9.58 3.94 -11.71
CA MET A 149 10.71 3.30 -11.04
CA MET A 149 10.71 3.28 -11.04
C MET A 149 11.92 3.17 -11.95
N ASP A 150 11.86 3.77 -13.15
CA ASP A 150 12.96 3.78 -14.12
C ASP A 150 13.30 2.37 -14.62
N VAL A 151 12.31 1.49 -14.68
CA VAL A 151 12.46 0.21 -15.37
C VAL A 151 12.35 0.45 -16.87
N PRO A 152 13.35 0.06 -17.67
CA PRO A 152 13.19 0.20 -19.13
C PRO A 152 12.10 -0.73 -19.64
N LEU A 153 11.26 -0.20 -20.51
CA LEU A 153 10.04 -0.89 -20.95
C LEU A 153 9.91 -0.87 -22.46
N TYR A 154 9.57 -2.03 -23.02
CA TYR A 154 9.42 -2.24 -24.46
C TYR A 154 8.14 -3.04 -24.69
N PRO A 155 7.33 -2.67 -25.67
CA PRO A 155 6.03 -3.34 -25.83
C PRO A 155 6.12 -4.66 -26.58
N ILE A 156 5.16 -5.52 -26.29
CA ILE A 156 4.87 -6.67 -27.15
C ILE A 156 3.36 -6.73 -27.33
N ASP A 157 2.91 -6.81 -28.57
CA ASP A 157 1.47 -6.75 -28.83
C ASP A 157 0.79 -8.05 -28.45
N GLU A 158 -0.42 -7.91 -27.91
CA GLU A 158 -1.23 -9.06 -27.52
C GLU A 158 -1.38 -10.07 -28.62
N SER A 159 -1.39 -9.63 -29.88
CA SER A 159 -1.64 -10.56 -30.98
C SER A 159 -0.56 -11.63 -31.12
N VAL A 160 0.61 -11.46 -30.51
CA VAL A 160 1.62 -12.51 -30.57
C VAL A 160 1.13 -13.78 -29.85
N PHE A 161 0.08 -13.68 -29.04
CA PHE A 161 -0.41 -14.83 -28.29
C PHE A 161 -1.67 -15.44 -28.90
N TYR A 162 -2.12 -14.94 -30.06
CA TYR A 162 -3.39 -15.42 -30.58
C TYR A 162 -3.30 -16.82 -31.17
N ASP A 163 -2.15 -17.18 -31.74
CA ASP A 163 -1.97 -18.46 -32.45
C ASP A 163 -0.97 -19.29 -31.65
N VAL A 164 -1.45 -20.39 -31.06
CA VAL A 164 -0.63 -21.11 -30.08
C VAL A 164 0.66 -21.61 -30.69
N ASP A 165 0.65 -21.97 -31.98
CA ASP A 165 1.85 -22.52 -32.59
C ASP A 165 2.84 -21.44 -33.03
N ARG A 166 2.51 -20.16 -32.88
CA ARG A 166 3.43 -19.08 -33.21
C ARG A 166 3.97 -18.37 -31.98
N ILE A 167 3.50 -18.71 -30.78
CA ILE A 167 3.90 -17.99 -29.57
C ILE A 167 5.41 -18.07 -29.38
N TYR A 168 5.95 -19.29 -29.38
CA TYR A 168 7.38 -19.45 -29.08
C TYR A 168 8.25 -18.76 -30.12
N PRO A 169 8.07 -18.97 -31.44
CA PRO A 169 8.93 -18.23 -32.39
C PRO A 169 8.72 -16.74 -32.37
N GLU A 170 7.50 -16.27 -32.07
CA GLU A 170 7.31 -14.83 -31.99
C GLU A 170 8.06 -14.26 -30.78
N LEU A 171 8.08 -14.99 -29.66
CA LEU A 171 8.83 -14.51 -28.50
C LEU A 171 10.34 -14.53 -28.77
N GLU A 172 10.83 -15.55 -29.50
CA GLU A 172 12.25 -15.59 -29.84
C GLU A 172 12.64 -14.39 -30.69
N ARG A 173 11.74 -13.91 -31.54
CA ARG A 173 12.07 -12.79 -32.41
C ARG A 173 11.85 -11.44 -31.74
N ARG A 174 10.93 -11.34 -30.79
CA ARG A 174 10.47 -10.06 -30.29
C ARG A 174 10.91 -9.72 -28.87
N VAL A 175 11.16 -10.70 -28.00
CA VAL A 175 11.57 -10.43 -26.62
C VAL A 175 13.09 -10.28 -26.60
N ARG A 176 13.56 -9.05 -26.40
CA ARG A 176 15.00 -8.80 -26.35
C ARG A 176 15.42 -8.19 -25.02
N THR A 177 14.60 -8.37 -23.98
CA THR A 177 14.90 -8.02 -22.60
C THR A 177 15.04 -9.31 -21.81
N ASP A 178 15.46 -9.17 -20.55
CA ASP A 178 15.62 -10.36 -19.73
C ASP A 178 14.40 -10.65 -18.87
N ALA A 179 13.38 -9.80 -18.94
CA ALA A 179 12.11 -10.05 -18.26
C ALA A 179 10.93 -9.83 -19.20
N LEU A 180 9.87 -10.61 -18.99
CA LEU A 180 8.64 -10.56 -19.77
C LEU A 180 7.48 -10.43 -18.80
N PHE A 181 6.65 -9.39 -18.98
CA PHE A 181 5.57 -9.10 -18.04
C PHE A 181 4.24 -9.22 -18.79
N LEU A 182 3.42 -10.20 -18.41
CA LEU A 182 2.12 -10.44 -19.01
C LEU A 182 1.00 -10.18 -18.01
N VAL A 183 -0.18 -9.92 -18.54
CA VAL A 183 -1.39 -9.71 -17.74
C VAL A 183 -2.42 -10.66 -18.31
N ASP A 184 -2.83 -11.66 -17.52
CA ASP A 184 -3.68 -12.72 -18.07
C ASP A 184 -4.72 -13.16 -17.06
N PRO A 185 -6.02 -12.98 -17.34
CA PRO A 185 -6.60 -12.35 -18.54
C PRO A 185 -6.26 -10.87 -18.65
N ASN A 186 -6.19 -10.37 -19.87
CA ASN A 186 -5.71 -9.02 -20.06
C ASN A 186 -6.80 -8.00 -19.77
N ASN A 187 -6.36 -6.86 -19.25
CA ASN A 187 -7.14 -5.65 -19.08
C ASN A 187 -6.55 -4.66 -20.07
N PRO A 188 -7.29 -4.24 -21.11
CA PRO A 188 -8.76 -4.18 -21.22
C PRO A 188 -9.48 -5.22 -22.08
N THR A 189 -8.76 -6.12 -22.73
CA THR A 189 -9.35 -6.89 -23.83
C THR A 189 -10.00 -8.19 -23.37
N GLY A 190 -9.74 -8.62 -22.13
CA GLY A 190 -10.19 -9.93 -21.73
C GLY A 190 -9.50 -11.09 -22.41
N PHE A 191 -8.43 -10.86 -23.17
CA PHE A 191 -7.74 -11.98 -23.80
C PHE A 191 -7.13 -12.88 -22.73
N SER A 192 -7.11 -14.19 -23.00
CA SER A 192 -6.36 -15.10 -22.14
C SER A 192 -5.71 -16.22 -22.94
N LEU A 193 -4.48 -16.55 -22.54
CA LEU A 193 -3.83 -17.76 -23.04
C LEU A 193 -4.63 -19.02 -22.76
N LEU A 194 -5.59 -18.96 -21.83
CA LEU A 194 -6.44 -20.11 -21.53
C LEU A 194 -7.31 -20.50 -22.71
N ARG A 195 -7.45 -19.63 -23.73
CA ARG A 195 -8.07 -20.05 -24.99
C ARG A 195 -7.38 -21.30 -25.54
N HIS A 196 -6.10 -21.46 -25.25
CA HIS A 196 -5.29 -22.57 -25.76
C HIS A 196 -5.20 -23.73 -24.77
N GLY A 197 -6.05 -23.75 -23.75
CA GLY A 197 -5.94 -24.81 -22.76
C GLY A 197 -4.71 -24.58 -21.88
N ARG A 198 -3.87 -25.60 -21.74
CA ARG A 198 -2.59 -25.42 -21.08
C ARG A 198 -1.51 -24.91 -22.01
N LYS A 199 -1.67 -25.09 -23.33
CA LYS A 199 -0.52 -25.02 -24.21
C LYS A 199 0.00 -23.60 -24.37
N GLY A 200 -0.87 -22.59 -24.28
CA GLY A 200 -0.40 -21.21 -24.43
C GLY A 200 0.55 -20.81 -23.33
N PHE A 201 0.15 -21.03 -22.08
CA PHE A 201 1.05 -20.77 -20.96
C PHE A 201 2.28 -21.67 -21.02
N GLU A 202 2.12 -22.93 -21.42
CA GLU A 202 3.27 -23.82 -21.50
C GLU A 202 4.30 -23.31 -22.51
N GLU A 203 3.85 -22.73 -23.62
CA GLU A 203 4.79 -22.20 -24.62
C GLU A 203 5.51 -20.96 -24.10
N VAL A 204 4.79 -20.09 -23.39
CA VAL A 204 5.43 -18.90 -22.78
C VAL A 204 6.48 -19.34 -21.77
N VAL A 205 6.12 -20.29 -20.91
CA VAL A 205 7.05 -20.75 -19.88
C VAL A 205 8.24 -21.45 -20.52
N ARG A 206 8.00 -22.25 -21.56
CA ARG A 206 9.10 -22.90 -22.29
C ARG A 206 10.07 -21.88 -22.85
N PHE A 207 9.55 -20.80 -23.46
CA PHE A 207 10.42 -19.75 -23.97
C PHE A 207 11.25 -19.14 -22.84
N CYS A 208 10.59 -18.77 -21.74
CA CYS A 208 11.31 -18.08 -20.69
C CYS A 208 12.35 -18.97 -20.02
N LYS A 209 12.01 -20.24 -19.81
CA LYS A 209 12.98 -21.15 -19.23
C LYS A 209 14.17 -21.35 -20.17
N ASP A 210 13.88 -21.63 -21.46
CA ASP A 210 14.94 -21.88 -22.42
C ASP A 210 15.90 -20.71 -22.56
N HIS A 211 15.39 -19.48 -22.42
CA HIS A 211 16.19 -18.29 -22.68
C HIS A 211 16.53 -17.52 -21.41
N ASP A 212 16.34 -18.15 -20.24
CA ASP A 212 16.74 -17.56 -18.96
CA ASP A 212 16.75 -17.56 -18.96
C ASP A 212 16.10 -16.19 -18.74
N LYS A 213 14.79 -16.12 -18.97
CA LYS A 213 14.03 -14.90 -18.76
C LYS A 213 13.21 -14.99 -17.48
N LEU A 214 13.11 -13.87 -16.78
CA LEU A 214 12.14 -13.75 -15.68
C LEU A 214 10.74 -13.52 -16.24
N LEU A 215 9.79 -14.35 -15.81
CA LEU A 215 8.40 -14.24 -16.22
C LEU A 215 7.58 -13.63 -15.10
N LEU A 216 7.01 -12.45 -15.34
CA LEU A 216 6.09 -11.81 -14.41
C LEU A 216 4.68 -11.94 -14.98
N ILE A 217 3.72 -12.36 -14.15
CA ILE A 217 2.35 -12.48 -14.62
C ILE A 217 1.42 -11.87 -13.59
N ASP A 218 0.58 -10.96 -14.06
CA ASP A 218 -0.49 -10.35 -13.27
C ASP A 218 -1.77 -11.12 -13.54
N PHE A 219 -2.25 -11.85 -12.53
CA PHE A 219 -3.43 -12.70 -12.62
C PHE A 219 -4.68 -12.04 -12.00
N CYS A 220 -4.71 -10.71 -11.91
CA CYS A 220 -5.79 -10.01 -11.20
CA CYS A 220 -5.79 -10.07 -11.16
C CYS A 220 -7.16 -10.37 -11.75
N PHE A 221 -7.27 -10.65 -13.05
CA PHE A 221 -8.56 -10.95 -13.64
C PHE A 221 -8.85 -12.46 -13.69
N ALA A 222 -8.02 -13.30 -13.06
CA ALA A 222 -8.17 -14.75 -13.23
C ALA A 222 -9.43 -15.29 -12.58
N SER A 223 -9.99 -14.60 -11.57
CA SER A 223 -11.25 -15.03 -10.99
C SER A 223 -12.36 -15.17 -12.02
N PHE A 224 -12.29 -14.39 -13.09
CA PHE A 224 -13.36 -14.42 -14.09
C PHE A 224 -13.28 -15.63 -15.00
N THR A 225 -12.22 -16.44 -14.90
CA THR A 225 -12.19 -17.72 -15.58
C THR A 225 -12.80 -18.84 -14.76
N LEU A 226 -12.98 -18.64 -13.45
CA LEU A 226 -13.30 -19.75 -12.57
C LEU A 226 -14.70 -20.29 -12.87
N PHE A 227 -14.83 -21.61 -12.77
CA PHE A 227 -16.05 -22.37 -13.01
C PHE A 227 -16.47 -22.36 -14.48
N GLU A 228 -15.67 -21.78 -15.37
CA GLU A 228 -15.96 -21.85 -16.80
C GLU A 228 -15.64 -23.23 -17.35
N PRO A 229 -16.54 -23.83 -18.14
CA PRO A 229 -16.30 -25.21 -18.60
C PRO A 229 -15.00 -25.39 -19.39
N GLU A 230 -14.65 -24.43 -20.25
CA GLU A 230 -13.48 -24.58 -21.11
C GLU A 230 -12.32 -23.69 -20.71
N LEU A 231 -12.56 -22.67 -19.88
CA LEU A 231 -11.55 -21.66 -19.62
C LEU A 231 -11.02 -21.64 -18.19
N ALA A 232 -11.58 -22.44 -17.28
CA ALA A 232 -11.17 -22.34 -15.88
C ALA A 232 -9.69 -22.57 -15.75
N ARG A 233 -9.02 -21.67 -15.04
CA ARG A 233 -7.57 -21.73 -14.93
C ARG A 233 -7.15 -23.05 -14.31
N PHE A 234 -6.08 -23.64 -14.86
CA PHE A 234 -5.44 -24.79 -14.28
C PHE A 234 -4.48 -24.31 -13.17
N ASP A 235 -3.78 -25.25 -12.53
CA ASP A 235 -2.84 -24.90 -11.47
C ASP A 235 -1.59 -24.34 -12.13
N MET A 236 -1.52 -23.00 -12.16
CA MET A 236 -0.38 -22.32 -12.78
CA MET A 236 -0.38 -22.35 -12.81
C MET A 236 0.90 -22.55 -12.02
N TYR A 237 0.81 -22.68 -10.69
CA TYR A 237 2.01 -22.79 -9.87
C TYR A 237 2.67 -24.15 -10.03
N GLU A 238 1.89 -25.19 -10.34
CA GLU A 238 2.46 -26.47 -10.73
C GLU A 238 3.37 -26.32 -11.94
N LEU A 239 2.88 -25.62 -12.98
CA LEU A 239 3.67 -25.39 -14.18
C LEU A 239 4.89 -24.53 -13.90
N LEU A 240 4.69 -23.43 -13.17
CA LEU A 240 5.81 -22.53 -12.89
C LEU A 240 6.88 -23.24 -12.06
N GLU A 241 6.48 -23.96 -11.02
CA GLU A 241 7.46 -24.69 -10.21
C GLU A 241 8.14 -25.79 -11.01
N ASN A 242 7.37 -26.64 -11.70
CA ASN A 242 7.97 -27.76 -12.42
C ASN A 242 8.99 -27.29 -13.44
N SER A 243 8.69 -26.18 -14.13
CA SER A 243 9.54 -25.71 -15.20
C SER A 243 10.88 -25.19 -14.70
N GLY A 244 10.95 -24.76 -13.43
CA GLY A 244 12.14 -24.11 -12.93
C GLY A 244 12.34 -22.69 -13.41
N VAL A 245 11.35 -22.13 -14.11
CA VAL A 245 11.48 -20.75 -14.61
C VAL A 245 11.57 -19.79 -13.43
N ARG A 246 12.35 -18.72 -13.63
CA ARG A 246 12.30 -17.59 -12.70
C ARG A 246 10.99 -16.84 -12.91
N TYR A 247 10.26 -16.58 -11.82
CA TYR A 247 8.94 -15.98 -11.99
C TYR A 247 8.55 -15.15 -10.78
N LEU A 248 7.64 -14.21 -11.06
CA LEU A 248 6.87 -13.47 -10.07
C LEU A 248 5.42 -13.46 -10.51
N ALA A 249 4.53 -13.94 -9.65
CA ALA A 249 3.11 -14.08 -9.97
C ALA A 249 2.30 -13.27 -8.98
N ILE A 250 1.42 -12.39 -9.50
CA ILE A 250 0.63 -11.49 -8.67
C ILE A 250 -0.85 -11.85 -8.81
N GLU A 251 -1.53 -12.01 -7.66
CA GLU A 251 -2.96 -12.31 -7.59
C GLU A 251 -3.66 -11.18 -6.82
N ASP A 252 -4.98 -11.08 -6.97
CA ASP A 252 -5.71 -9.93 -6.43
C ASP A 252 -7.10 -10.35 -5.98
N THR A 253 -7.63 -9.58 -5.02
CA THR A 253 -9.02 -9.66 -4.63
C THR A 253 -9.86 -8.45 -5.04
N GLY A 254 -9.22 -7.30 -5.24
CA GLY A 254 -9.96 -6.05 -5.32
C GLY A 254 -10.91 -5.92 -6.49
N THR A 256 -12.48 -8.38 -7.99
CA THR A 256 -13.44 -9.48 -8.02
C THR A 256 -14.66 -9.18 -7.14
N TRP A 257 -14.41 -8.74 -5.92
CA TRP A 257 -15.45 -8.62 -4.92
C TRP A 257 -15.77 -7.15 -4.62
N PRO A 258 -17.01 -6.85 -4.23
CA PRO A 258 -17.40 -5.48 -3.83
C PRO A 258 -16.98 -5.17 -2.40
N VAL A 259 -15.67 -5.01 -2.20
CA VAL A 259 -15.11 -4.81 -0.87
C VAL A 259 -14.62 -3.37 -0.69
N GLN A 260 -15.06 -2.46 -1.56
CA GLN A 260 -14.76 -1.03 -1.42
C GLN A 260 -13.25 -0.77 -1.29
N ASP A 261 -12.46 -1.53 -2.03
CA ASP A 261 -11.01 -1.39 -2.08
C ASP A 261 -10.33 -1.67 -0.73
N ALA A 262 -11.03 -2.33 0.20
CA ALA A 262 -10.42 -2.86 1.42
C ALA A 262 -9.99 -4.29 1.07
N LYS A 263 -8.78 -4.42 0.55
CA LYS A 263 -8.44 -5.54 -0.31
C LYS A 263 -7.07 -6.06 0.06
N CYS A 264 -6.64 -7.10 -0.66
CA CYS A 264 -5.34 -7.71 -0.45
CA CYS A 264 -5.26 -7.50 -0.53
C CYS A 264 -4.83 -8.28 -1.76
N ALA A 265 -3.54 -8.15 -2.04
CA ALA A 265 -2.94 -8.80 -3.18
C ALA A 265 -1.89 -9.79 -2.71
N LEU A 266 -1.52 -10.69 -3.60
CA LEU A 266 -0.64 -11.79 -3.26
C LEU A 266 0.48 -11.85 -4.28
N ILE A 267 1.71 -12.10 -3.83
CA ILE A 267 2.83 -12.28 -4.76
C ILE A 267 3.58 -13.55 -4.39
N THR A 268 3.97 -14.30 -5.41
CA THR A 268 4.69 -15.55 -5.23
C THR A 268 5.88 -15.53 -6.18
N ALA A 269 7.05 -15.94 -5.66
CA ALA A 269 8.32 -15.88 -6.38
C ALA A 269 8.89 -17.29 -6.52
N SER A 270 9.63 -17.52 -7.60
CA SER A 270 10.36 -18.77 -7.72
C SER A 270 11.40 -18.92 -6.59
N ASP A 271 11.77 -20.17 -6.32
CA ASP A 271 12.61 -20.46 -5.16
C ASP A 271 13.95 -19.75 -5.24
N ASP A 272 14.49 -19.57 -6.44
CA ASP A 272 15.84 -19.02 -6.57
C ASP A 272 15.91 -17.53 -6.26
N ILE A 273 14.79 -16.81 -6.34
CA ILE A 273 14.76 -15.39 -5.99
C ILE A 273 13.90 -15.11 -4.77
N TRP A 274 13.34 -16.14 -4.13
CA TRP A 274 12.39 -15.96 -3.04
C TRP A 274 12.98 -15.11 -1.91
N GLU A 275 14.22 -15.41 -1.50
CA GLU A 275 14.78 -14.72 -0.35
C GLU A 275 14.96 -13.22 -0.63
N THR A 276 15.49 -12.89 -1.82
CA THR A 276 15.65 -11.49 -2.19
C THR A 276 14.31 -10.77 -2.21
N VAL A 277 13.31 -11.40 -2.83
CA VAL A 277 11.99 -10.77 -2.93
C VAL A 277 11.33 -10.67 -1.56
N TYR A 278 11.50 -11.67 -0.70
CA TYR A 278 10.98 -11.60 0.67
C TYR A 278 11.53 -10.38 1.38
N ASN A 279 12.84 -10.16 1.32
CA ASN A 279 13.44 -9.04 2.02
C ASN A 279 12.98 -7.70 1.42
N LEU A 280 12.80 -7.64 0.09
CA LEU A 280 12.22 -6.42 -0.49
C LEU A 280 10.81 -6.19 0.04
N HIS A 281 10.00 -7.24 0.07
CA HIS A 281 8.60 -7.13 0.49
C HIS A 281 8.50 -6.68 1.94
N THR A 282 9.37 -7.18 2.82
CA THR A 282 9.24 -6.83 4.23
C THR A 282 9.65 -5.39 4.49
N SER A 283 10.43 -4.76 3.60
CA SER A 283 10.70 -3.34 3.79
C SER A 283 9.49 -2.48 3.44
N VAL A 284 8.52 -3.02 2.71
CA VAL A 284 7.31 -2.27 2.37
C VAL A 284 6.31 -2.32 3.50
N LEU A 285 6.00 -3.52 3.98
CA LEU A 285 5.00 -3.66 5.04
C LEU A 285 5.31 -4.91 5.85
N LEU A 286 4.90 -4.86 7.12
CA LEU A 286 4.99 -6.04 7.99
C LEU A 286 3.82 -6.99 7.77
N ASN A 287 2.63 -6.43 7.55
CA ASN A 287 1.42 -7.25 7.53
C ASN A 287 0.28 -6.45 6.94
N VAL A 288 -0.67 -7.16 6.37
CA VAL A 288 -1.97 -6.63 6.00
C VAL A 288 -2.87 -6.73 7.23
N SER A 289 -3.80 -5.79 7.37
CA SER A 289 -4.76 -5.80 8.48
C SER A 289 -5.40 -7.17 8.67
N PRO A 290 -5.32 -7.77 9.86
CA PRO A 290 -6.00 -9.06 10.06
C PRO A 290 -7.51 -8.93 10.01
N PHE A 291 -8.03 -7.74 10.29
CA PHE A 291 -9.46 -7.49 10.11
C PHE A 291 -9.84 -7.60 8.64
N VAL A 292 -9.10 -6.91 7.77
CA VAL A 292 -9.36 -6.99 6.34
C VAL A 292 -9.20 -8.44 5.86
N LEU A 293 -8.14 -9.13 6.30
CA LEU A 293 -7.97 -10.52 5.89
C LEU A 293 -9.15 -11.38 6.31
N ASN A 294 -9.61 -11.22 7.56
CA ASN A 294 -10.76 -11.96 8.05
C ASN A 294 -12.00 -11.67 7.20
N MET A 295 -12.26 -10.39 6.92
CA MET A 295 -13.41 -10.03 6.08
CA MET A 295 -13.40 -10.02 6.08
C MET A 295 -13.30 -10.64 4.69
N LEU A 296 -12.13 -10.50 4.05
CA LEU A 296 -11.96 -11.03 2.69
C LEU A 296 -12.16 -12.53 2.67
N THR A 297 -11.71 -13.22 3.71
CA THR A 297 -11.89 -14.67 3.76
C THR A 297 -13.37 -15.03 3.69
N GLN A 298 -14.23 -14.22 4.31
CA GLN A 298 -15.67 -14.47 4.22
C GLN A 298 -16.18 -14.32 2.79
N TYR A 299 -15.72 -13.29 2.08
CA TYR A 299 -16.11 -13.09 0.68
C TYR A 299 -15.66 -14.25 -0.19
N VAL A 300 -14.41 -14.71 0.00
CA VAL A 300 -13.92 -15.85 -0.79
C VAL A 300 -14.75 -17.10 -0.52
N ARG A 301 -15.05 -17.36 0.76
CA ARG A 301 -15.84 -18.54 1.11
C ARG A 301 -17.26 -18.42 0.57
N ASP A 302 -17.83 -17.21 0.63
CA ASP A 302 -19.16 -16.98 0.10
C ASP A 302 -19.20 -17.29 -1.40
N SER A 303 -18.17 -16.88 -2.14
CA SER A 303 -18.16 -17.12 -3.58
C SER A 303 -17.83 -18.57 -3.92
N ALA A 304 -17.12 -19.29 -3.06
CA ALA A 304 -17.00 -20.72 -3.26
C ALA A 304 -18.36 -21.40 -3.15
N ALA A 305 -19.20 -20.91 -2.23
CA ALA A 305 -20.49 -21.52 -1.99
C ALA A 305 -21.46 -21.28 -3.15
N ASP A 306 -21.37 -20.13 -3.83
CA ASP A 306 -22.28 -19.87 -4.94
C ASP A 306 -21.58 -19.93 -6.30
N ARG A 307 -20.36 -20.50 -6.35
CA ARG A 307 -19.61 -20.65 -7.60
C ARG A 307 -19.51 -19.32 -8.35
N LEU A 308 -19.26 -18.25 -7.59
CA LEU A 308 -19.08 -16.88 -8.07
C LEU A 308 -20.30 -16.32 -8.79
N ALA A 309 -21.49 -16.88 -8.54
CA ALA A 309 -22.70 -16.42 -9.21
C ALA A 309 -22.94 -14.93 -8.97
N SER A 310 -22.76 -14.46 -7.73
CA SER A 310 -23.13 -13.08 -7.46
C SER A 310 -22.20 -12.09 -8.15
N VAL A 311 -20.96 -12.50 -8.44
CA VAL A 311 -20.06 -11.69 -9.23
C VAL A 311 -20.41 -11.80 -10.71
N ARG A 312 -20.54 -13.03 -11.20
CA ARG A 312 -20.74 -13.26 -12.64
C ARG A 312 -22.05 -12.66 -13.13
N GLU A 313 -23.11 -12.78 -12.34
CA GLU A 313 -24.43 -12.37 -12.80
C GLU A 313 -24.52 -10.85 -13.02
N VAL A 314 -23.87 -10.08 -12.16
CA VAL A 314 -23.87 -8.63 -12.32
C VAL A 314 -23.14 -8.25 -13.60
N LEU A 315 -21.96 -8.84 -13.81
CA LEU A 315 -21.18 -8.50 -15.00
C LEU A 315 -21.89 -8.93 -16.27
N THR A 316 -22.53 -10.11 -16.25
CA THR A 316 -23.25 -10.61 -17.41
C THR A 316 -24.41 -9.70 -17.78
N ARG A 317 -25.18 -9.25 -16.79
CA ARG A 317 -26.29 -8.34 -17.03
C ARG A 317 -25.82 -7.06 -17.70
N ASN A 318 -24.72 -6.47 -17.22
CA ASN A 318 -24.27 -5.23 -17.80
C ASN A 318 -23.59 -5.46 -19.16
N ARG A 319 -22.82 -6.54 -19.28
CA ARG A 319 -22.20 -6.87 -20.57
C ARG A 319 -23.26 -7.07 -21.65
N GLU A 320 -24.32 -7.81 -21.34
CA GLU A 320 -25.36 -8.04 -22.35
C GLU A 320 -26.12 -6.75 -22.63
N CYS A 321 -26.37 -5.93 -21.62
CA CYS A 321 -27.04 -4.65 -21.84
C CYS A 321 -26.19 -3.74 -22.72
N ALA A 322 -24.87 -3.72 -22.48
CA ALA A 322 -23.98 -2.93 -23.33
C ALA A 322 -23.99 -3.45 -24.76
N ARG A 323 -23.88 -4.78 -24.92
CA ARG A 323 -23.81 -5.37 -26.25
C ARG A 323 -25.08 -5.08 -27.04
N LYS A 324 -26.24 -5.25 -26.40
CA LYS A 324 -27.50 -5.05 -27.11
C LYS A 324 -27.74 -3.58 -27.41
N THR A 325 -27.42 -2.69 -26.47
CA THR A 325 -27.70 -1.27 -26.66
C THR A 325 -26.81 -0.67 -27.73
N LEU A 326 -25.57 -1.12 -27.83
CA LEU A 326 -24.59 -0.51 -28.72
C LEU A 326 -24.39 -1.30 -30.01
N ASP A 327 -25.12 -2.40 -30.20
CA ASP A 327 -25.03 -3.15 -31.45
C ASP A 327 -25.48 -2.27 -32.62
N GLY A 328 -24.62 -2.13 -33.62
CA GLY A 328 -24.89 -1.27 -34.75
C GLY A 328 -24.48 0.17 -34.57
N SER A 329 -24.05 0.56 -33.39
CA SER A 329 -23.59 1.91 -33.12
C SER A 329 -22.17 2.11 -33.64
N ILE A 330 -21.63 3.32 -33.44
CA ILE A 330 -20.24 3.59 -33.81
C ILE A 330 -19.26 2.93 -32.85
N LEU A 331 -19.73 2.36 -31.75
CA LEU A 331 -18.90 1.62 -30.80
C LEU A 331 -19.10 0.13 -31.07
N GLU A 332 -18.07 -0.52 -31.60
CA GLU A 332 -18.11 -1.92 -32.02
C GLU A 332 -17.57 -2.79 -30.88
N TYR A 333 -18.46 -3.56 -30.27
CA TYR A 333 -18.09 -4.45 -29.17
C TYR A 333 -17.04 -5.45 -29.64
N GLN A 334 -15.99 -5.61 -28.84
CA GLN A 334 -14.92 -6.57 -29.08
C GLN A 334 -15.09 -7.74 -28.11
N GLU A 335 -15.63 -8.85 -28.60
CA GLU A 335 -15.91 -9.98 -27.73
C GLU A 335 -14.62 -10.47 -27.07
N PRO A 336 -14.60 -10.61 -25.75
CA PRO A 336 -13.40 -11.06 -25.05
C PRO A 336 -13.33 -12.57 -24.96
N VAL A 337 -12.10 -13.07 -24.76
CA VAL A 337 -11.93 -14.49 -24.49
C VAL A 337 -12.58 -14.84 -23.15
N VAL A 338 -12.32 -14.01 -22.15
CA VAL A 338 -12.79 -14.21 -20.78
C VAL A 338 -13.80 -13.10 -20.45
N LYS A 339 -14.88 -13.48 -19.77
CA LYS A 339 -15.90 -12.51 -19.36
C LYS A 339 -15.42 -11.72 -18.14
N VAL A 340 -14.53 -10.75 -18.41
CA VAL A 340 -13.94 -9.92 -17.36
C VAL A 340 -14.86 -8.73 -17.06
N SER A 341 -14.44 -7.89 -16.12
CA SER A 341 -15.30 -6.85 -15.59
C SER A 341 -15.22 -5.54 -16.37
N VAL A 342 -14.64 -5.57 -17.58
CA VAL A 342 -14.58 -4.39 -18.43
C VAL A 342 -14.93 -4.84 -19.85
N ALA A 343 -15.47 -3.89 -20.62
CA ALA A 343 -15.85 -4.12 -22.00
C ALA A 343 -15.05 -3.18 -22.89
N TRP A 344 -14.67 -3.68 -24.06
CA TRP A 344 -13.71 -3.05 -24.95
C TRP A 344 -14.39 -2.85 -26.30
N PHE A 345 -14.32 -1.63 -26.83
CA PHE A 345 -15.03 -1.26 -28.04
C PHE A 345 -14.07 -0.61 -29.03
N ARG A 346 -14.26 -0.91 -30.32
CA ARG A 346 -13.58 -0.21 -31.39
C ARG A 346 -14.48 0.88 -31.95
N VAL A 347 -13.89 2.05 -32.21
CA VAL A 347 -14.64 3.16 -32.79
C VAL A 347 -14.73 2.94 -34.29
N ASP A 348 -15.95 2.80 -34.80
CA ASP A 348 -16.21 2.60 -36.22
C ASP A 348 -16.87 3.86 -36.77
N HIS A 349 -16.04 4.82 -37.19
CA HIS A 349 -16.53 6.07 -37.75
C HIS A 349 -15.50 6.62 -38.71
N PRO A 350 -15.91 7.24 -39.81
CA PRO A 350 -14.94 7.80 -40.76
C PRO A 350 -14.05 8.87 -40.15
N GLU A 351 -14.60 9.74 -39.31
CA GLU A 351 -13.86 10.89 -38.79
C GLU A 351 -13.69 10.91 -37.28
N LEU A 352 -14.64 10.38 -36.52
CA LEU A 352 -14.56 10.46 -35.07
C LEU A 352 -13.53 9.49 -34.52
N THR A 353 -12.81 9.92 -33.49
CA THR A 353 -11.84 9.09 -32.78
C THR A 353 -12.33 8.82 -31.36
N ALA A 354 -11.56 8.00 -30.64
CA ALA A 354 -11.90 7.70 -29.25
C ALA A 354 -11.85 8.96 -28.39
N THR A 355 -10.93 9.88 -28.70
CA THR A 355 -10.90 11.16 -28.00
C THR A 355 -12.21 11.91 -28.20
N ASP A 356 -12.75 11.89 -29.42
CA ASP A 356 -14.01 12.56 -29.70
C ASP A 356 -15.16 11.89 -28.96
N VAL A 357 -15.23 10.57 -29.01
CA VAL A 357 -16.29 9.84 -28.28
C VAL A 357 -16.20 10.12 -26.79
N HIS A 358 -14.98 10.10 -26.25
CA HIS A 358 -14.75 10.45 -24.85
C HIS A 358 -15.31 11.84 -24.53
N ARG A 359 -15.01 12.83 -25.39
CA ARG A 359 -15.47 14.19 -25.14
C ARG A 359 -16.98 14.31 -25.29
N LEU A 360 -17.56 13.62 -26.29
CA LEU A 360 -18.99 13.74 -26.54
C LEU A 360 -19.81 13.09 -25.43
N LEU A 361 -19.38 11.92 -24.95
CA LEU A 361 -20.09 11.25 -23.87
C LEU A 361 -19.92 12.00 -22.55
N SER A 362 -18.71 12.51 -22.30
CA SER A 362 -18.45 13.26 -21.08
C SER A 362 -19.34 14.49 -20.99
N ALA A 363 -19.59 15.14 -22.12
CA ALA A 363 -20.42 16.34 -22.12
C ALA A 363 -21.83 16.05 -21.65
N ASP A 364 -22.30 14.81 -21.80
CA ASP A 364 -23.63 14.42 -21.38
C ASP A 364 -23.63 13.60 -20.09
N GLY A 365 -22.49 13.50 -19.43
CA GLY A 365 -22.42 12.89 -18.11
C GLY A 365 -22.04 11.43 -18.07
N VAL A 366 -21.59 10.85 -19.18
CA VAL A 366 -21.15 9.46 -19.22
C VAL A 366 -19.64 9.46 -19.41
N TYR A 367 -18.93 8.83 -18.48
CA TYR A 367 -17.47 8.83 -18.47
C TYR A 367 -16.96 7.44 -18.77
N VAL A 368 -16.29 7.29 -19.92
CA VAL A 368 -15.61 6.07 -20.30
C VAL A 368 -14.12 6.37 -20.40
N LEU A 369 -13.31 5.38 -20.75
CA LEU A 369 -11.88 5.65 -20.90
C LEU A 369 -11.47 5.47 -22.35
N PRO A 370 -10.82 6.47 -22.95
CA PRO A 370 -10.34 6.28 -24.33
C PRO A 370 -9.12 5.38 -24.34
N GLY A 371 -8.86 4.82 -25.53
CA GLY A 371 -7.86 3.77 -25.64
C GLY A 371 -6.44 4.23 -25.47
N ARG A 372 -6.18 5.54 -25.54
CA ARG A 372 -4.84 6.05 -25.30
C ARG A 372 -4.31 5.65 -23.93
N TYR A 373 -5.18 5.39 -22.98
CA TYR A 373 -4.78 4.97 -21.65
C TYR A 373 -4.43 3.48 -21.59
N PHE A 374 -4.37 2.80 -22.73
CA PHE A 374 -3.99 1.40 -22.75
C PHE A 374 -2.91 1.07 -23.77
N TYR A 375 -2.69 1.90 -24.78
CA TYR A 375 -1.58 1.74 -25.71
C TYR A 375 -0.46 2.67 -25.27
N TRP A 376 0.26 2.21 -24.25
CA TRP A 376 1.18 3.06 -23.50
C TRP A 376 2.45 3.38 -24.27
N SER A 377 2.81 2.58 -25.27
CA SER A 377 4.03 2.86 -26.02
C SER A 377 3.81 3.79 -27.18
N GLU A 378 2.59 3.81 -27.72
CA GLU A 378 2.21 4.70 -28.80
C GLU A 378 0.73 4.98 -28.64
N PRO A 379 0.37 5.96 -27.81
CA PRO A 379 -1.06 6.17 -27.48
C PRO A 379 -1.93 6.47 -28.68
N SER A 380 -1.34 6.93 -29.79
CA SER A 380 -2.09 7.13 -31.02
C SER A 380 -2.81 5.86 -31.48
N LYS A 381 -2.24 4.69 -31.18
CA LYS A 381 -2.89 3.44 -31.53
C LYS A 381 -4.20 3.27 -30.76
N GLY A 382 -4.28 3.84 -29.57
CA GLY A 382 -5.49 3.72 -28.78
C GLY A 382 -6.62 4.61 -29.21
N ASP A 383 -6.41 5.50 -30.18
CA ASP A 383 -7.45 6.42 -30.62
C ASP A 383 -8.62 5.72 -31.30
N ALA A 384 -8.55 4.40 -31.49
CA ALA A 384 -9.63 3.65 -32.11
C ALA A 384 -10.43 2.81 -31.12
N TYR A 385 -10.20 2.98 -29.81
CA TYR A 385 -10.81 2.11 -28.83
C TYR A 385 -11.32 2.89 -27.62
N VAL A 386 -12.30 2.29 -26.94
CA VAL A 386 -12.89 2.82 -25.73
C VAL A 386 -13.12 1.67 -24.76
N ARG A 387 -12.89 1.89 -23.47
CA ARG A 387 -13.15 0.87 -22.45
C ARG A 387 -14.27 1.35 -21.53
N MET A 388 -15.16 0.44 -21.16
CA MET A 388 -16.24 0.72 -20.22
C MET A 388 -16.20 -0.26 -19.06
N ALA A 389 -16.41 0.25 -17.85
CA ALA A 389 -16.43 -0.58 -16.65
C ALA A 389 -17.78 -1.26 -16.47
N LEU A 390 -17.76 -2.53 -16.08
CA LEU A 390 -18.99 -3.31 -15.93
C LEU A 390 -19.35 -3.63 -14.48
N ALA A 391 -18.44 -3.40 -13.52
CA ALA A 391 -18.71 -3.71 -12.12
C ALA A 391 -19.51 -2.56 -11.52
N ARG A 392 -20.81 -2.57 -11.84
CA ARG A 392 -21.70 -1.44 -11.56
C ARG A 392 -23.08 -1.97 -11.20
N GLU A 393 -23.85 -1.14 -10.51
CA GLU A 393 -25.25 -1.49 -10.28
C GLU A 393 -25.99 -1.55 -11.62
N PRO A 394 -26.75 -2.62 -11.88
CA PRO A 394 -27.37 -2.78 -13.20
C PRO A 394 -28.33 -1.66 -13.59
N GLU A 395 -29.04 -1.07 -12.64
CA GLU A 395 -29.99 -0.02 -12.99
C GLU A 395 -29.25 1.24 -13.46
N MET A 396 -28.22 1.66 -12.74
CA MET A 396 -27.46 2.82 -13.20
C MET A 396 -26.77 2.50 -14.53
N PHE A 397 -26.27 1.27 -14.69
CA PHE A 397 -25.59 0.92 -15.94
C PHE A 397 -26.54 0.95 -17.12
N ALA A 398 -27.76 0.43 -16.96
CA ALA A 398 -28.73 0.44 -18.05
C ALA A 398 -29.13 1.85 -18.43
N ASP A 399 -29.29 2.74 -17.44
CA ASP A 399 -29.58 4.14 -17.75
C ASP A 399 -28.39 4.81 -18.43
N ALA A 400 -27.16 4.42 -18.06
CA ALA A 400 -25.99 4.93 -18.74
C ALA A 400 -25.93 4.48 -20.18
N MET A 401 -26.34 3.22 -20.45
CA MET A 401 -26.34 2.73 -21.83
C MET A 401 -27.38 3.43 -22.68
N ALA A 402 -28.55 3.70 -22.11
CA ALA A 402 -29.58 4.43 -22.85
C ALA A 402 -29.09 5.81 -23.24
N LEU A 403 -28.48 6.53 -22.29
CA LEU A 403 -27.95 7.85 -22.60
C LEU A 403 -26.78 7.77 -23.58
N THR A 404 -25.94 6.73 -23.45
CA THR A 404 -24.80 6.58 -24.35
C THR A 404 -25.27 6.43 -25.79
N ARG A 405 -26.26 5.57 -26.03
CA ARG A 405 -26.74 5.35 -27.39
C ARG A 405 -27.36 6.62 -27.95
N GLN A 406 -28.08 7.38 -27.10
CA GLN A 406 -28.68 8.64 -27.55
C GLN A 406 -27.61 9.64 -27.98
N VAL A 407 -26.51 9.70 -27.24
CA VAL A 407 -25.41 10.59 -27.61
C VAL A 407 -24.76 10.13 -28.91
N LEU A 408 -24.44 8.83 -28.99
CA LEU A 408 -23.76 8.31 -30.17
C LEU A 408 -24.59 8.46 -31.44
N ASP A 409 -25.92 8.35 -31.31
CA ASP A 409 -26.79 8.55 -32.45
C ASP A 409 -26.72 9.99 -32.94
N ARG A 410 -26.79 10.95 -32.02
CA ARG A 410 -26.72 12.36 -32.37
C ARG A 410 -25.32 12.75 -32.85
N LYS B 47 4.17 -15.98 25.54
CA LYS B 47 4.74 -15.09 24.54
C LYS B 47 4.22 -13.66 24.69
N TYR B 48 5.15 -12.73 24.90
CA TYR B 48 4.84 -11.32 25.05
C TYR B 48 5.56 -10.57 23.93
N ASN B 49 4.82 -10.14 22.92
CA ASN B 49 5.37 -9.39 21.80
C ASN B 49 5.45 -7.92 22.20
N LEU B 50 6.66 -7.46 22.54
CA LEU B 50 6.93 -6.05 22.76
C LEU B 50 7.88 -5.51 21.69
N ALA B 51 7.81 -6.10 20.50
CA ALA B 51 8.70 -5.74 19.42
C ALA B 51 8.05 -4.74 18.49
N ASP B 52 7.03 -5.17 17.74
CA ASP B 52 6.36 -4.31 16.76
C ASP B 52 5.70 -3.12 17.43
N ALA B 53 5.89 -1.93 16.85
CA ALA B 53 5.25 -0.75 17.42
C ALA B 53 3.79 -0.64 17.02
N HIS B 54 3.30 -1.53 16.16
CA HIS B 54 1.89 -1.51 15.78
C HIS B 54 1.00 -1.57 17.01
N THR B 55 -0.20 -1.00 16.88
CA THR B 55 -1.10 -0.88 18.02
C THR B 55 -1.83 -2.20 18.26
N HIS B 56 -1.75 -2.69 19.50
CA HIS B 56 -2.46 -3.92 19.87
C HIS B 56 -3.26 -3.78 21.16
N GLN B 57 -3.42 -2.58 21.69
CA GLN B 57 -4.37 -2.39 22.78
C GLN B 57 -5.80 -2.59 22.28
N ARG B 58 -6.72 -2.81 23.21
CA ARG B 58 -8.10 -3.08 22.85
C ARG B 58 -8.87 -1.77 22.69
N GLN B 59 -10.15 -1.89 22.31
CA GLN B 59 -10.97 -0.73 22.05
C GLN B 59 -11.48 -0.11 23.35
N SER B 60 -11.44 1.22 23.43
CA SER B 60 -12.08 1.93 24.52
C SER B 60 -13.60 1.78 24.44
N ALA B 61 -14.27 2.20 25.51
CA ALA B 61 -15.73 2.10 25.52
C ALA B 61 -16.34 2.82 24.33
N SER B 62 -15.85 4.03 24.01
CA SER B 62 -16.44 4.75 22.89
C SER B 62 -15.96 4.21 21.55
N GLN B 63 -14.73 3.68 21.48
CA GLN B 63 -14.29 3.07 20.23
C GLN B 63 -15.11 1.81 19.93
N GLN B 64 -15.57 1.11 20.96
CA GLN B 64 -16.46 -0.04 20.74
C GLN B 64 -17.74 0.37 20.03
N SER B 65 -18.20 1.61 20.25
CA SER B 65 -19.38 2.09 19.54
C SER B 65 -19.09 2.35 18.06
N ILE B 66 -17.82 2.64 17.71
CA ILE B 66 -17.48 2.69 16.30
C ILE B 66 -17.52 1.29 15.69
N VAL B 67 -16.88 0.32 16.35
CA VAL B 67 -16.87 -1.05 15.84
C VAL B 67 -18.30 -1.55 15.65
N SER B 68 -19.19 -1.23 16.60
CA SER B 68 -20.57 -1.66 16.51
C SER B 68 -21.30 -1.10 15.30
N ARG B 69 -20.85 0.03 14.78
CA ARG B 69 -21.47 0.71 13.64
C ARG B 69 -20.74 0.44 12.33
N LEU B 70 -19.83 -0.52 12.30
CA LEU B 70 -19.16 -0.82 11.03
C LEU B 70 -20.14 -1.15 9.90
N PRO B 71 -21.25 -1.88 10.13
CA PRO B 71 -22.20 -2.07 9.01
C PRO B 71 -22.74 -0.77 8.45
N GLN B 72 -23.18 0.15 9.32
CA GLN B 72 -23.62 1.45 8.86
C GLN B 72 -22.52 2.20 8.11
N LEU B 73 -21.29 2.17 8.64
CA LEU B 73 -20.18 2.86 7.98
C LEU B 73 -19.89 2.25 6.62
N TRP B 74 -20.09 0.96 6.48
CA TRP B 74 -19.94 0.31 5.18
C TRP B 74 -20.96 0.84 4.17
N TYR B 75 -22.24 0.85 4.54
CA TYR B 75 -23.26 1.29 3.59
C TYR B 75 -23.12 2.76 3.24
N GLU B 76 -22.72 3.58 4.21
CA GLU B 76 -22.45 4.99 3.91
C GLU B 76 -21.42 5.15 2.81
N ALA B 77 -20.27 4.48 2.96
CA ALA B 77 -19.22 4.61 1.95
C ALA B 77 -19.66 3.99 0.63
N GLU B 78 -20.47 2.94 0.68
CA GLU B 78 -20.89 2.26 -0.53
C GLU B 78 -21.77 3.17 -1.39
N GLU B 79 -22.70 3.89 -0.76
CA GLU B 79 -23.60 4.74 -1.50
C GLU B 79 -23.03 6.12 -1.78
N GLY B 80 -22.02 6.55 -1.02
CA GLY B 80 -21.50 7.89 -1.12
C GLY B 80 -20.38 8.01 -2.14
N LEU B 81 -19.89 9.24 -2.29
CA LEU B 81 -18.82 9.57 -3.23
C LEU B 81 -17.46 9.43 -2.57
N GLN B 82 -16.50 8.88 -3.34
CA GLN B 82 -15.15 8.74 -2.82
C GLN B 82 -14.59 10.06 -2.31
N ALA B 83 -14.80 11.15 -3.06
CA ALA B 83 -14.25 12.44 -2.66
C ALA B 83 -14.83 12.92 -1.33
N THR B 84 -16.07 12.55 -1.02
CA THR B 84 -16.66 12.91 0.26
C THR B 84 -15.87 12.36 1.43
N TYR B 85 -15.50 11.09 1.34
CA TYR B 85 -14.82 10.42 2.45
C TYR B 85 -13.36 10.84 2.53
N GLU B 86 -12.75 11.17 1.39
CA GLU B 86 -11.41 11.75 1.40
C GLU B 86 -11.42 13.11 2.09
N LYS B 87 -12.38 13.96 1.73
CA LYS B 87 -12.45 15.31 2.29
C LYS B 87 -12.73 15.25 3.79
N ARG B 88 -13.70 14.44 4.21
CA ARG B 88 -14.05 14.39 5.62
C ARG B 88 -12.92 13.80 6.47
N PHE B 89 -12.21 12.80 5.94
CA PHE B 89 -11.07 12.27 6.69
C PHE B 89 -9.97 13.31 6.81
N THR B 90 -9.61 13.97 5.70
CA THR B 90 -8.51 14.91 5.72
C THR B 90 -8.82 16.08 6.63
N GLU B 91 -10.08 16.56 6.60
CA GLU B 91 -10.49 17.63 7.48
C GLU B 91 -10.41 17.22 8.94
N ALA B 92 -10.95 16.04 9.28
CA ALA B 92 -10.89 15.61 10.68
C ALA B 92 -9.45 15.49 11.15
N PHE B 93 -8.60 14.89 10.31
CA PHE B 93 -7.22 14.64 10.68
C PHE B 93 -6.47 15.94 10.94
N PHE B 94 -6.52 16.88 10.00
CA PHE B 94 -5.77 18.11 10.21
C PHE B 94 -6.46 19.08 11.16
N GLN B 95 -7.75 18.90 11.48
CA GLN B 95 -8.35 19.63 12.59
C GLN B 95 -7.81 19.13 13.92
N LEU B 96 -7.77 17.80 14.11
CA LEU B 96 -7.23 17.25 15.35
C LEU B 96 -5.77 17.66 15.54
N HIS B 97 -4.99 17.60 14.47
CA HIS B 97 -3.57 17.92 14.53
C HIS B 97 -3.29 19.43 14.50
N ARG B 98 -4.33 20.26 14.33
CA ARG B 98 -4.21 21.72 14.32
C ARG B 98 -3.23 22.19 13.23
N GLN B 99 -3.44 21.70 12.01
CA GLN B 99 -2.68 22.11 10.83
C GLN B 99 -3.59 22.79 9.80
N PRO B 100 -4.15 23.97 10.12
CA PRO B 100 -5.13 24.57 9.20
C PRO B 100 -4.56 24.93 7.85
N THR B 101 -3.27 25.24 7.74
CA THR B 101 -2.71 25.58 6.44
C THR B 101 -2.83 24.42 5.46
N ALA B 102 -2.66 23.18 5.95
CA ALA B 102 -2.80 22.03 5.07
C ALA B 102 -4.20 21.95 4.47
N LEU B 103 -5.22 22.35 5.22
CA LEU B 103 -6.57 22.30 4.66
C LEU B 103 -6.83 23.45 3.70
N VAL B 104 -6.20 24.60 3.90
CA VAL B 104 -6.33 25.70 2.94
C VAL B 104 -5.69 25.32 1.62
N LYS B 105 -4.47 24.76 1.66
CA LYS B 105 -3.79 24.37 0.42
C LYS B 105 -4.49 23.21 -0.27
N ASN B 106 -5.07 22.27 0.48
CA ASN B 106 -5.88 21.18 -0.06
C ASN B 106 -5.18 20.46 -1.21
N LYS B 107 -3.96 20.01 -0.95
CA LYS B 107 -3.15 19.29 -1.95
C LYS B 107 -2.59 17.99 -1.39
N THR B 108 -3.14 17.49 -0.29
CA THR B 108 -2.62 16.30 0.38
C THR B 108 -3.18 15.04 -0.28
N MET B 109 -2.34 14.01 -0.41
CA MET B 109 -2.75 12.77 -1.06
CA MET B 109 -2.73 12.77 -1.07
C MET B 109 -2.69 11.63 -0.07
N LEU B 110 -3.63 10.70 -0.21
CA LEU B 110 -3.84 9.62 0.75
C LEU B 110 -3.35 8.28 0.20
N SER B 111 -2.72 7.47 1.06
CA SER B 111 -2.29 6.14 0.64
C SER B 111 -2.52 5.11 1.74
N TYR B 112 -2.23 3.85 1.42
CA TYR B 112 -2.52 2.74 2.33
C TYR B 112 -1.72 2.80 3.62
N ALA B 113 -0.54 3.40 3.60
CA ALA B 113 0.36 3.32 4.74
C ALA B 113 1.51 4.27 4.54
N ALA B 114 2.13 4.65 5.66
CA ALA B 114 3.24 5.60 5.60
C ALA B 114 4.38 5.10 4.74
N SER B 115 4.63 3.79 4.72
CA SER B 115 5.68 3.27 3.85
C SER B 115 5.36 3.46 2.38
N ILE B 116 4.08 3.46 2.03
CA ILE B 116 3.71 3.68 0.63
C ILE B 116 3.96 5.14 0.26
N SER B 117 3.56 6.07 1.14
CA SER B 117 3.91 7.48 0.93
C SER B 117 5.41 7.66 0.81
N THR B 118 6.17 6.91 1.61
CA THR B 118 7.62 6.99 1.57
C THR B 118 8.17 6.48 0.23
N MET B 119 7.58 5.41 -0.30
CA MET B 119 8.01 4.96 -1.63
C MET B 119 7.72 5.97 -2.71
N VAL B 120 6.62 6.72 -2.60
CA VAL B 120 6.38 7.82 -3.54
C VAL B 120 7.49 8.86 -3.41
N ALA B 121 7.86 9.22 -2.18
CA ALA B 121 8.99 10.13 -1.98
C ALA B 121 10.27 9.55 -2.56
N GLY B 122 10.45 8.23 -2.40
CA GLY B 122 11.63 7.59 -2.96
C GLY B 122 11.68 7.67 -4.47
N MET B 123 10.52 7.53 -5.12
CA MET B 123 10.50 7.67 -6.57
C MET B 123 10.89 9.07 -6.99
N PHE B 124 10.48 10.08 -6.23
CA PHE B 124 10.89 11.44 -6.53
C PHE B 124 12.40 11.60 -6.35
N LEU B 125 12.93 11.08 -5.23
CA LEU B 125 14.36 11.15 -4.98
C LEU B 125 15.15 10.49 -6.09
N LYS B 126 14.66 9.37 -6.61
CA LYS B 126 15.38 8.69 -7.68
CA LYS B 126 15.39 8.70 -7.69
C LYS B 126 15.27 9.46 -8.99
N LYS B 127 14.09 10.01 -9.30
CA LYS B 127 13.94 10.78 -10.53
C LYS B 127 14.89 11.97 -10.55
N GLU B 128 15.11 12.60 -9.40
CA GLU B 128 15.99 13.76 -9.31
C GLU B 128 17.43 13.38 -9.00
N ARG B 129 17.71 12.08 -8.82
CA ARG B 129 19.06 11.56 -8.58
C ARG B 129 19.70 12.20 -7.34
N LEU B 130 18.91 12.36 -6.28
CA LEU B 130 19.36 13.05 -5.06
C LEU B 130 19.86 12.06 -4.02
N ALA B 131 20.93 12.44 -3.33
CA ALA B 131 21.37 11.72 -2.14
C ALA B 131 20.69 12.31 -0.92
N VAL B 132 20.52 11.46 0.10
CA VAL B 132 19.73 11.81 1.29
C VAL B 132 20.63 11.71 2.51
N THR B 133 20.57 12.74 3.36
CA THR B 133 21.10 12.66 4.71
C THR B 133 19.92 12.35 5.61
N LEU B 134 19.98 11.19 6.27
CA LEU B 134 18.86 10.63 7.02
C LEU B 134 19.20 10.60 8.50
N ILE B 135 18.21 10.94 9.34
CA ILE B 135 18.41 10.91 10.80
C ILE B 135 18.82 9.51 11.25
N GLU B 136 19.71 9.45 12.25
CA GLU B 136 20.12 8.21 12.90
C GLU B 136 20.21 8.51 14.39
N PRO B 137 19.68 7.65 15.27
CA PRO B 137 18.96 6.41 14.95
C PRO B 137 17.60 6.69 14.33
N CYS B 138 17.08 5.71 13.61
CA CYS B 138 15.68 5.72 13.24
C CYS B 138 15.34 4.31 12.82
N PHE B 139 14.04 4.01 12.88
CA PHE B 139 13.59 2.66 12.56
C PHE B 139 14.12 2.26 11.19
N ASP B 140 14.78 1.09 11.12
CA ASP B 140 15.57 0.88 9.91
C ASP B 140 14.73 0.42 8.73
N ASN B 141 13.42 0.19 8.91
CA ASN B 141 12.59 -0.06 7.73
C ASN B 141 12.59 1.15 6.81
N LEU B 142 12.74 2.36 7.35
CA LEU B 142 12.85 3.54 6.50
C LEU B 142 14.11 3.49 5.68
N TYR B 143 15.23 3.19 6.31
CA TYR B 143 16.48 2.94 5.59
C TYR B 143 16.28 1.85 4.54
N ASP B 144 15.70 0.73 4.95
CA ASP B 144 15.61 -0.44 4.07
C ASP B 144 14.82 -0.12 2.81
N VAL B 145 13.67 0.54 2.95
CA VAL B 145 12.86 0.74 1.76
C VAL B 145 13.53 1.75 0.83
N LEU B 146 14.19 2.77 1.37
CA LEU B 146 14.91 3.72 0.52
C LEU B 146 16.15 3.08 -0.10
N ALA B 147 16.88 2.28 0.67
CA ALA B 147 18.04 1.57 0.12
C ALA B 147 17.62 0.56 -0.94
N ASN B 148 16.45 -0.07 -0.77
CA ASN B 148 15.96 -1.03 -1.75
C ASN B 148 15.53 -0.36 -3.03
N MET B 149 15.34 0.97 -2.97
CA MET B 149 15.12 1.81 -4.13
C MET B 149 16.40 2.48 -4.60
N ASP B 150 17.54 2.08 -4.04
CA ASP B 150 18.86 2.57 -4.46
C ASP B 150 19.02 4.07 -4.22
N VAL B 151 18.33 4.61 -3.23
CA VAL B 151 18.57 6.00 -2.79
C VAL B 151 19.84 6.05 -1.97
N PRO B 152 20.81 6.90 -2.30
CA PRO B 152 22.01 7.03 -1.46
C PRO B 152 21.65 7.64 -0.10
N LEU B 153 22.19 7.04 0.96
CA LEU B 153 21.81 7.37 2.33
C LEU B 153 23.03 7.60 3.20
N TYR B 154 23.08 8.75 3.88
CA TYR B 154 24.19 9.12 4.74
C TYR B 154 23.63 9.56 6.08
N PRO B 155 24.19 9.11 7.20
CA PRO B 155 23.58 9.40 8.50
C PRO B 155 23.90 10.79 9.02
N ILE B 156 22.96 11.31 9.82
CA ILE B 156 23.24 12.46 10.69
C ILE B 156 22.66 12.13 12.07
N ASP B 157 23.49 12.24 13.10
CA ASP B 157 23.06 11.83 14.42
C ASP B 157 22.03 12.79 15.00
N GLU B 158 21.07 12.22 15.72
CA GLU B 158 20.04 13.02 16.37
C GLU B 158 20.60 14.13 17.26
N SER B 159 21.80 13.92 17.82
CA SER B 159 22.35 14.90 18.76
C SER B 159 22.66 16.24 18.10
N VAL B 160 22.71 16.32 16.76
CA VAL B 160 22.87 17.64 16.14
C VAL B 160 21.70 18.56 16.44
N PHE B 161 20.55 18.02 16.88
CA PHE B 161 19.36 18.80 17.14
C PHE B 161 19.14 19.10 18.61
N TYR B 162 20.04 18.67 19.50
CA TYR B 162 19.79 18.84 20.93
C TYR B 162 19.93 20.29 21.39
N ASP B 163 20.85 21.05 20.80
CA ASP B 163 21.15 22.42 21.19
C ASP B 163 20.65 23.34 20.08
N VAL B 164 19.62 24.13 20.37
CA VAL B 164 18.96 24.87 19.30
C VAL B 164 19.92 25.84 18.61
N ASP B 165 20.89 26.39 19.34
CA ASP B 165 21.78 27.39 18.76
C ASP B 165 22.91 26.77 17.95
N ARG B 166 23.02 25.44 17.93
CA ARG B 166 24.01 24.75 17.13
C ARG B 166 23.42 24.02 15.93
N ILE B 167 22.09 24.01 15.78
CA ILE B 167 21.47 23.25 14.69
C ILE B 167 21.98 23.73 13.34
N TYR B 168 21.91 25.03 13.10
CA TYR B 168 22.26 25.50 11.76
C TYR B 168 23.73 25.26 11.41
N PRO B 169 24.70 25.61 12.25
CA PRO B 169 26.10 25.30 11.88
C PRO B 169 26.39 23.81 11.81
N GLU B 170 25.73 22.98 12.62
CA GLU B 170 25.94 21.55 12.48
C GLU B 170 25.41 21.04 11.15
N LEU B 171 24.22 21.51 10.73
CA LEU B 171 23.70 21.11 9.43
C LEU B 171 24.60 21.60 8.30
N GLU B 172 25.13 22.83 8.41
CA GLU B 172 26.02 23.33 7.37
C GLU B 172 27.24 22.44 7.23
N ARG B 173 27.75 21.90 8.34
CA ARG B 173 28.91 21.02 8.27
C ARG B 173 28.55 19.62 7.78
N ARG B 174 27.40 19.08 8.19
CA ARG B 174 27.14 17.66 8.09
C ARG B 174 26.16 17.26 6.99
N VAL B 175 25.37 18.18 6.45
CA VAL B 175 24.42 17.86 5.40
C VAL B 175 25.07 18.26 4.08
N ARG B 176 25.73 17.30 3.42
CA ARG B 176 26.44 17.56 2.17
C ARG B 176 25.82 16.79 1.01
N THR B 177 24.52 16.57 1.10
CA THR B 177 23.66 15.98 0.09
C THR B 177 22.57 16.99 -0.25
N ASP B 178 21.80 16.70 -1.29
CA ASP B 178 20.74 17.62 -1.68
C ASP B 178 19.44 17.45 -0.89
N ALA B 179 19.29 16.37 -0.13
CA ALA B 179 18.06 16.13 0.61
C ALA B 179 18.39 15.77 2.05
N LEU B 180 17.48 16.15 2.94
CA LEU B 180 17.55 15.89 4.38
C LEU B 180 16.25 15.27 4.83
N PHE B 181 16.32 14.10 5.46
CA PHE B 181 15.13 13.33 5.85
C PHE B 181 15.13 13.19 7.37
N LEU B 182 14.16 13.80 8.02
CA LEU B 182 14.00 13.76 9.47
C LEU B 182 12.75 12.96 9.83
N VAL B 183 12.73 12.46 11.07
CA VAL B 183 11.56 11.76 11.63
C VAL B 183 11.28 12.45 12.96
N ASP B 184 10.12 13.13 13.06
CA ASP B 184 9.90 13.98 14.23
C ASP B 184 8.44 13.91 14.64
N PRO B 185 8.12 13.43 15.86
CA PRO B 185 9.07 12.90 16.84
C PRO B 185 9.75 11.63 16.36
N ASN B 186 10.95 11.37 16.85
CA ASN B 186 11.74 10.27 16.31
C ASN B 186 11.33 8.94 16.90
N ASN B 187 11.41 7.91 16.06
CA ASN B 187 11.26 6.52 16.44
C ASN B 187 12.67 5.96 16.31
N PRO B 188 13.36 5.55 17.39
CA PRO B 188 12.83 5.05 18.66
C PRO B 188 12.92 5.97 19.87
N THR B 189 13.57 7.13 19.75
CA THR B 189 13.96 7.90 20.94
C THR B 189 12.87 8.81 21.48
N GLY B 190 11.85 9.11 20.67
CA GLY B 190 10.88 10.11 21.07
C GLY B 190 11.41 11.52 21.08
N PHE B 191 12.59 11.75 20.52
CA PHE B 191 13.11 13.10 20.44
C PHE B 191 12.24 13.95 19.52
N SER B 192 12.10 15.23 19.87
CA SER B 192 11.43 16.13 18.95
C SER B 192 12.06 17.52 19.02
N LEU B 193 12.19 18.13 17.84
CA LEU B 193 12.53 19.55 17.76
C LEU B 193 11.54 20.43 18.52
N LEU B 194 10.34 19.94 18.81
CA LEU B 194 9.39 20.74 19.58
C LEU B 194 9.86 21.01 21.01
N ARG B 195 10.92 20.35 21.49
CA ARG B 195 11.46 20.78 22.76
C ARG B 195 11.98 22.21 22.68
N HIS B 196 12.25 22.71 21.47
CA HIS B 196 12.69 24.08 21.24
C HIS B 196 11.54 25.01 20.86
N GLY B 197 10.29 24.59 21.08
CA GLY B 197 9.17 25.43 20.64
C GLY B 197 9.09 25.42 19.13
N ARG B 198 9.03 26.63 18.53
N ARG B 198 9.03 26.62 18.53
CA ARG B 198 9.07 26.72 17.07
CA ARG B 198 9.06 26.74 17.09
C ARG B 198 10.49 26.72 16.54
C ARG B 198 10.46 26.83 16.52
N LYS B 199 11.47 27.10 17.36
CA LYS B 199 12.76 27.52 16.85
C LYS B 199 13.58 26.39 16.26
N GLY B 200 13.45 25.17 16.79
CA GLY B 200 14.19 24.05 16.22
C GLY B 200 13.82 23.79 14.78
N PHE B 201 12.51 23.59 14.53
CA PHE B 201 12.04 23.43 13.16
C PHE B 201 12.36 24.66 12.31
N GLU B 202 12.25 25.87 12.88
CA GLU B 202 12.54 27.05 12.09
C GLU B 202 14.01 27.07 11.64
N GLU B 203 14.92 26.59 12.49
CA GLU B 203 16.33 26.57 12.11
C GLU B 203 16.60 25.53 11.03
N VAL B 204 15.97 24.36 11.13
CA VAL B 204 16.12 23.35 10.09
C VAL B 204 15.61 23.88 8.76
N VAL B 205 14.44 24.52 8.79
CA VAL B 205 13.85 25.04 7.56
C VAL B 205 14.70 26.17 6.99
N ARG B 206 15.22 27.04 7.85
CA ARG B 206 16.11 28.12 7.42
C ARG B 206 17.32 27.54 6.68
N PHE B 207 17.93 26.50 7.25
CA PHE B 207 19.07 25.87 6.60
C PHE B 207 18.70 25.30 5.24
N CYS B 208 17.60 24.55 5.18
CA CYS B 208 17.24 23.89 3.92
C CYS B 208 16.87 24.92 2.85
N LYS B 209 16.18 26.01 3.23
CA LYS B 209 15.90 27.06 2.27
C LYS B 209 17.19 27.73 1.80
N ASP B 210 18.06 28.10 2.76
CA ASP B 210 19.29 28.82 2.42
C ASP B 210 20.17 28.01 1.48
N HIS B 211 20.23 26.70 1.70
CA HIS B 211 21.19 25.85 1.01
C HIS B 211 20.54 24.94 -0.01
N ASP B 212 19.30 25.22 -0.40
CA ASP B 212 18.63 24.53 -1.50
C ASP B 212 18.60 23.01 -1.26
N LYS B 213 18.09 22.64 -0.10
CA LYS B 213 17.91 21.24 0.26
C LYS B 213 16.43 20.88 0.22
N LEU B 214 16.12 19.70 -0.29
CA LEU B 214 14.80 19.12 -0.18
C LEU B 214 14.63 18.58 1.24
N LEU B 215 13.59 19.01 1.93
CA LEU B 215 13.33 18.62 3.32
C LEU B 215 12.19 17.62 3.36
N LEU B 216 12.49 16.38 3.77
CA LEU B 216 11.49 15.36 3.96
C LEU B 216 11.31 15.14 5.46
N ILE B 217 10.06 15.11 5.92
CA ILE B 217 9.79 14.89 7.33
C ILE B 217 8.70 13.84 7.48
N ASP B 218 8.99 12.84 8.30
CA ASP B 218 8.02 11.82 8.68
C ASP B 218 7.44 12.22 10.04
N PHE B 219 6.16 12.57 10.06
CA PHE B 219 5.45 13.03 11.25
C PHE B 219 4.58 11.94 11.87
N CYS B 220 4.88 10.66 11.64
CA CYS B 220 3.95 9.63 12.06
CA CYS B 220 4.00 9.59 12.07
C CYS B 220 3.72 9.62 13.57
N PHE B 221 4.69 10.06 14.37
CA PHE B 221 4.53 10.09 15.82
C PHE B 221 4.00 11.44 16.34
N ALA B 222 3.56 12.35 15.46
CA ALA B 222 3.20 13.69 15.91
C ALA B 222 1.93 13.71 16.76
N SER B 223 1.06 12.71 16.63
CA SER B 223 -0.14 12.66 17.48
C SER B 223 0.20 12.67 18.96
N PHE B 224 1.36 12.11 19.31
CA PHE B 224 1.73 12.00 20.71
C PHE B 224 2.20 13.33 21.29
N THR B 225 2.28 14.39 20.48
CA THR B 225 2.48 15.73 21.00
C THR B 225 1.18 16.45 21.31
N LEU B 226 0.07 15.98 20.73
CA LEU B 226 -1.16 16.77 20.76
C LEU B 226 -1.67 16.95 22.18
N PHE B 227 -2.21 18.12 22.45
CA PHE B 227 -2.77 18.51 23.75
C PHE B 227 -1.72 18.60 24.85
N GLU B 228 -0.45 18.43 24.54
CA GLU B 228 0.59 18.64 25.53
C GLU B 228 0.77 20.14 25.78
N PRO B 229 0.84 20.57 27.05
CA PRO B 229 0.90 22.02 27.31
C PRO B 229 2.11 22.73 26.72
N GLU B 230 3.26 22.07 26.67
CA GLU B 230 4.47 22.69 26.16
C GLU B 230 4.94 22.15 24.82
N LEU B 231 4.42 21.00 24.38
CA LEU B 231 4.96 20.31 23.23
C LEU B 231 4.01 20.21 22.05
N ALA B 232 2.75 20.61 22.18
CA ALA B 232 1.79 20.40 21.10
C ALA B 232 2.31 21.02 19.82
N ARG B 233 2.25 20.26 18.73
CA ARG B 233 2.79 20.75 17.47
C ARG B 233 2.06 22.01 17.02
N PHE B 234 2.83 22.97 16.51
CA PHE B 234 2.28 24.14 15.85
C PHE B 234 1.93 23.76 14.41
N ASP B 235 1.40 24.73 13.65
CA ASP B 235 1.05 24.49 12.25
C ASP B 235 2.33 24.41 11.44
N MET B 236 2.75 23.17 11.17
N MET B 236 2.80 23.18 11.17
CA MET B 236 3.98 22.91 10.44
CA MET B 236 4.03 23.02 10.43
C MET B 236 3.88 23.38 8.99
C MET B 236 3.89 23.45 8.98
N TYR B 237 2.69 23.29 8.40
CA TYR B 237 2.52 23.61 6.98
C TYR B 237 2.55 25.11 6.75
N GLU B 238 2.14 25.90 7.74
CA GLU B 238 2.33 27.35 7.66
C GLU B 238 3.81 27.70 7.52
N LEU B 239 4.67 27.07 8.34
CA LEU B 239 6.10 27.30 8.24
C LEU B 239 6.67 26.80 6.92
N LEU B 240 6.30 25.58 6.52
CA LEU B 240 6.87 25.03 5.29
C LEU B 240 6.44 25.85 4.08
N GLU B 241 5.17 26.24 4.01
CA GLU B 241 4.70 27.06 2.89
C GLU B 241 5.33 28.45 2.91
N ASN B 242 5.30 29.13 4.07
CA ASN B 242 5.81 30.49 4.15
C ASN B 242 7.28 30.56 3.75
N SER B 243 8.05 29.53 4.14
CA SER B 243 9.48 29.54 3.89
C SER B 243 9.82 29.36 2.42
N GLY B 244 8.93 28.74 1.64
CA GLY B 244 9.24 28.43 0.25
C GLY B 244 10.15 27.24 0.09
N VAL B 245 10.47 26.52 1.17
CA VAL B 245 11.37 25.37 1.07
C VAL B 245 10.73 24.27 0.23
N ARG B 246 11.56 23.54 -0.50
CA ARG B 246 11.08 22.33 -1.14
CA ARG B 246 11.11 22.32 -1.14
C ARG B 246 10.90 21.25 -0.08
N TYR B 247 9.71 20.63 -0.06
CA TYR B 247 9.45 19.67 1.02
C TYR B 247 8.51 18.55 0.61
N LEU B 248 8.64 17.45 1.37
CA LEU B 248 7.70 16.34 1.36
C LEU B 248 7.41 15.99 2.81
N ALA B 249 6.12 16.00 3.20
CA ALA B 249 5.71 15.78 4.59
C ALA B 249 4.75 14.60 4.64
N ILE B 250 5.04 13.63 5.53
CA ILE B 250 4.27 12.40 5.64
C ILE B 250 3.63 12.33 7.02
N GLU B 251 2.32 12.08 7.04
CA GLU B 251 1.54 11.93 8.28
C GLU B 251 0.89 10.55 8.29
N ASP B 252 0.48 10.09 9.47
CA ASP B 252 0.02 8.72 9.62
C ASP B 252 -1.08 8.62 10.67
N THR B 253 -1.91 7.59 10.51
CA THR B 253 -2.90 7.18 11.50
C THR B 253 -2.56 5.87 12.21
N GLY B 254 -1.79 5.01 11.57
CA GLY B 254 -1.68 3.63 12.02
C GLY B 254 -1.07 3.41 13.38
N THR B 256 -1.24 5.51 15.90
CA THR B 256 -1.99 6.26 16.91
C THR B 256 -3.20 5.47 17.46
N TRP B 257 -3.97 4.89 16.55
CA TRP B 257 -5.25 4.30 16.94
C TRP B 257 -5.20 2.79 16.80
N PRO B 258 -6.00 2.07 17.60
CA PRO B 258 -6.09 0.60 17.50
C PRO B 258 -7.01 0.18 16.37
N VAL B 259 -6.55 0.39 15.14
CA VAL B 259 -7.35 0.13 13.95
C VAL B 259 -6.85 -1.10 13.19
N GLN B 260 -6.06 -1.94 13.85
CA GLN B 260 -5.61 -3.21 13.28
C GLN B 260 -5.00 -3.05 11.89
N ASP B 261 -4.25 -1.97 11.70
CA ASP B 261 -3.51 -1.69 10.47
C ASP B 261 -4.43 -1.48 9.26
N ALA B 262 -5.72 -1.22 9.51
CA ALA B 262 -6.62 -0.73 8.47
C ALA B 262 -6.55 0.78 8.54
N LYS B 263 -5.61 1.35 7.79
CA LYS B 263 -5.11 2.69 8.09
C LYS B 263 -4.97 3.52 6.83
N CYS B 264 -4.44 4.73 7.01
CA CYS B 264 -4.27 5.70 5.93
C CYS B 264 -3.11 6.61 6.28
N ALA B 265 -2.24 6.86 5.30
CA ALA B 265 -1.23 7.87 5.44
C ALA B 265 -1.46 9.01 4.46
N LEU B 266 -0.80 10.14 4.75
CA LEU B 266 -0.99 11.39 4.02
C LEU B 266 0.36 11.91 3.59
N ILE B 267 0.46 12.46 2.38
CA ILE B 267 1.69 13.09 1.94
C ILE B 267 1.34 14.45 1.32
N THR B 268 2.16 15.45 1.63
CA THR B 268 1.97 16.82 1.16
C THR B 268 3.32 17.29 0.62
N ALA B 269 3.30 17.90 -0.56
CA ALA B 269 4.50 18.35 -1.24
C ALA B 269 4.45 19.85 -1.44
N SER B 270 5.61 20.50 -1.49
CA SER B 270 5.66 21.92 -1.83
C SER B 270 5.12 22.17 -3.24
N ASP B 271 4.65 23.41 -3.47
CA ASP B 271 3.97 23.71 -4.73
C ASP B 271 4.85 23.44 -5.95
N ASP B 272 6.17 23.64 -5.81
CA ASP B 272 7.03 23.54 -6.99
C ASP B 272 7.20 22.11 -7.46
N ILE B 273 6.99 21.12 -6.60
CA ILE B 273 7.12 19.71 -7.00
C ILE B 273 5.79 18.98 -6.93
N TRP B 274 4.70 19.69 -6.61
CA TRP B 274 3.40 19.05 -6.37
C TRP B 274 2.94 18.23 -7.58
N GLU B 275 3.06 18.79 -8.78
CA GLU B 275 2.52 18.10 -9.95
C GLU B 275 3.29 16.80 -10.22
N THR B 276 4.62 16.85 -10.14
CA THR B 276 5.42 15.64 -10.31
C THR B 276 5.02 14.58 -9.27
N VAL B 277 4.92 14.99 -8.01
CA VAL B 277 4.62 14.05 -6.95
C VAL B 277 3.21 13.51 -7.09
N TYR B 278 2.28 14.37 -7.53
CA TYR B 278 0.92 13.92 -7.79
C TYR B 278 0.92 12.80 -8.83
N ASN B 279 1.66 13.00 -9.91
CA ASN B 279 1.69 12.00 -10.97
C ASN B 279 2.34 10.70 -10.49
N LEU B 280 3.41 10.80 -9.70
CA LEU B 280 3.98 9.58 -9.11
C LEU B 280 2.96 8.87 -8.23
N HIS B 281 2.26 9.64 -7.40
CA HIS B 281 1.31 9.06 -6.45
C HIS B 281 0.17 8.34 -7.16
N THR B 282 -0.37 8.95 -8.22
CA THR B 282 -1.49 8.33 -8.91
C THR B 282 -1.09 7.06 -9.66
N SER B 283 0.21 6.86 -9.92
CA SER B 283 0.61 5.59 -10.53
C SER B 283 0.58 4.46 -9.51
N VAL B 284 0.60 4.78 -8.22
CA VAL B 284 0.56 3.76 -7.16
C VAL B 284 -0.86 3.34 -6.85
N LEU B 285 -1.75 4.30 -6.63
CA LEU B 285 -3.13 3.94 -6.33
C LEU B 285 -4.06 5.07 -6.76
N LEU B 286 -5.31 4.70 -7.00
CA LEU B 286 -6.33 5.67 -7.34
C LEU B 286 -6.99 6.24 -6.08
N ASN B 287 -7.16 5.39 -5.06
CA ASN B 287 -7.94 5.78 -3.90
C ASN B 287 -7.68 4.80 -2.77
N VAL B 288 -7.82 5.30 -1.54
CA VAL B 288 -7.92 4.47 -0.34
C VAL B 288 -9.38 4.09 -0.17
N SER B 289 -9.63 2.93 0.43
CA SER B 289 -10.99 2.46 0.66
C SER B 289 -11.83 3.53 1.33
N PRO B 290 -13.00 3.90 0.77
CA PRO B 290 -13.83 4.89 1.46
C PRO B 290 -14.43 4.35 2.74
N PHE B 291 -14.59 3.03 2.85
CA PHE B 291 -15.01 2.41 4.10
C PHE B 291 -13.95 2.62 5.18
N VAL B 292 -12.68 2.34 4.86
CA VAL B 292 -11.61 2.57 5.81
C VAL B 292 -11.52 4.04 6.18
N LEU B 293 -11.61 4.94 5.19
CA LEU B 293 -11.58 6.37 5.49
C LEU B 293 -12.72 6.77 6.42
N ASN B 294 -13.93 6.28 6.15
CA ASN B 294 -15.08 6.58 7.01
C ASN B 294 -14.84 6.09 8.43
N MET B 295 -14.34 4.87 8.58
CA MET B 295 -14.05 4.34 9.91
CA MET B 295 -14.08 4.35 9.92
C MET B 295 -12.99 5.17 10.62
N LEU B 296 -11.88 5.47 9.92
CA LEU B 296 -10.80 6.24 10.53
C LEU B 296 -11.29 7.61 10.97
N THR B 297 -12.16 8.23 10.17
CA THR B 297 -12.72 9.52 10.54
C THR B 297 -13.41 9.45 11.90
N GLN B 298 -14.08 8.32 12.18
CA GLN B 298 -14.74 8.19 13.48
C GLN B 298 -13.73 8.10 14.62
N TYR B 299 -12.59 7.41 14.40
CA TYR B 299 -11.56 7.36 15.43
C TYR B 299 -10.95 8.73 15.68
N VAL B 300 -10.71 9.49 14.60
CA VAL B 300 -10.15 10.84 14.76
C VAL B 300 -11.11 11.71 15.55
N ARG B 301 -12.40 11.67 15.19
CA ARG B 301 -13.37 12.51 15.91
C ARG B 301 -13.54 12.04 17.34
N ASP B 302 -13.48 10.73 17.57
CA ASP B 302 -13.57 10.22 18.93
C ASP B 302 -12.43 10.76 19.79
N SER B 303 -11.22 10.82 19.24
CA SER B 303 -10.07 11.29 20.00
C SER B 303 -10.05 12.82 20.13
N ALA B 304 -10.64 13.54 19.18
CA ALA B 304 -10.86 14.96 19.43
C ALA B 304 -11.76 15.17 20.63
N ALA B 305 -12.75 14.31 20.80
CA ALA B 305 -13.71 14.47 21.88
C ALA B 305 -13.11 14.17 23.25
N ASP B 306 -12.16 13.24 23.34
CA ASP B 306 -11.55 12.96 24.63
C ASP B 306 -10.10 13.45 24.73
N ARG B 307 -9.70 14.34 23.80
CA ARG B 307 -8.35 14.92 23.82
C ARG B 307 -7.29 13.82 23.89
N LEU B 308 -7.50 12.77 23.10
CA LEU B 308 -6.63 11.60 22.96
C LEU B 308 -6.40 10.85 24.27
N ALA B 309 -7.29 11.02 25.26
CA ALA B 309 -7.08 10.37 26.55
C ALA B 309 -6.98 8.86 26.42
N SER B 310 -7.84 8.23 25.60
CA SER B 310 -7.83 6.78 25.53
C SER B 310 -6.54 6.24 24.92
N VAL B 311 -5.86 7.03 24.10
CA VAL B 311 -4.54 6.66 23.60
C VAL B 311 -3.47 6.95 24.65
N ARG B 312 -3.47 8.18 25.16
CA ARG B 312 -2.40 8.63 26.06
C ARG B 312 -2.37 7.82 27.35
N GLU B 313 -3.53 7.49 27.91
CA GLU B 313 -3.57 6.85 29.22
C GLU B 313 -3.01 5.44 29.17
N VAL B 314 -3.26 4.71 28.08
CA VAL B 314 -2.69 3.37 27.93
C VAL B 314 -1.17 3.45 27.83
N LEU B 315 -0.65 4.36 27.02
CA LEU B 315 0.79 4.44 26.84
C LEU B 315 1.46 4.90 28.15
N THR B 316 0.83 5.82 28.87
CA THR B 316 1.39 6.29 30.13
C THR B 316 1.44 5.17 31.16
N ARG B 317 0.39 4.36 31.25
CA ARG B 317 0.38 3.26 32.20
C ARG B 317 1.54 2.29 31.92
N ASN B 318 1.73 1.94 30.66
CA ASN B 318 2.80 0.99 30.32
C ASN B 318 4.18 1.64 30.44
N ARG B 319 4.31 2.91 30.02
CA ARG B 319 5.60 3.60 30.16
C ARG B 319 6.02 3.67 31.62
N GLU B 320 5.10 4.05 32.51
CA GLU B 320 5.42 4.12 33.92
C GLU B 320 5.73 2.74 34.49
N CYS B 321 5.00 1.71 34.05
CA CYS B 321 5.28 0.36 34.51
C CYS B 321 6.69 -0.05 34.11
N ALA B 322 7.07 0.20 32.85
CA ALA B 322 8.42 -0.13 32.41
C ALA B 322 9.46 0.63 33.20
N ARG B 323 9.24 1.93 33.37
CA ARG B 323 10.20 2.76 34.10
C ARG B 323 10.40 2.27 35.53
N LYS B 324 9.29 2.05 36.25
CA LYS B 324 9.40 1.57 37.62
C LYS B 324 10.02 0.18 37.68
N THR B 325 9.62 -0.71 36.78
CA THR B 325 10.05 -2.11 36.84
C THR B 325 11.55 -2.23 36.58
N LEU B 326 12.07 -1.45 35.64
CA LEU B 326 13.44 -1.60 35.17
C LEU B 326 14.41 -0.60 35.78
N ASP B 327 13.94 0.25 36.69
CA ASP B 327 14.84 1.16 37.40
C ASP B 327 15.93 0.39 38.12
N GLY B 328 17.19 0.75 37.84
CA GLY B 328 18.32 0.08 38.45
C GLY B 328 18.76 -1.20 37.78
N SER B 329 18.09 -1.63 36.72
CA SER B 329 18.44 -2.84 36.01
C SER B 329 19.51 -2.55 34.96
N ILE B 330 19.92 -3.59 34.22
CA ILE B 330 20.86 -3.35 33.13
C ILE B 330 20.24 -2.62 31.96
N LEU B 331 18.93 -2.41 31.98
CA LEU B 331 18.26 -1.62 30.95
C LEU B 331 17.95 -0.25 31.54
N GLU B 332 18.66 0.77 31.07
CA GLU B 332 18.60 2.12 31.62
C GLU B 332 17.63 2.94 30.77
N TYR B 333 16.49 3.29 31.35
CA TYR B 333 15.45 4.03 30.66
C TYR B 333 15.98 5.38 30.15
N GLN B 334 15.67 5.69 28.88
CA GLN B 334 16.05 6.95 28.25
C GLN B 334 14.79 7.80 28.12
N GLU B 335 14.63 8.77 29.02
CA GLU B 335 13.41 9.56 29.02
C GLU B 335 13.26 10.29 27.69
N PRO B 336 12.11 10.20 27.04
CA PRO B 336 11.94 10.85 25.74
C PRO B 336 11.42 12.27 25.88
N VAL B 337 11.68 13.07 24.84
CA VAL B 337 11.07 14.41 24.77
C VAL B 337 9.55 14.26 24.68
N VAL B 338 9.09 13.35 23.82
CA VAL B 338 7.67 13.16 23.54
C VAL B 338 7.26 11.79 24.04
N LYS B 339 6.06 11.72 24.63
CA LYS B 339 5.49 10.46 25.15
C LYS B 339 4.96 9.63 23.98
N VAL B 340 5.89 9.07 23.21
CA VAL B 340 5.55 8.23 22.07
C VAL B 340 5.24 6.80 22.50
N SER B 341 4.86 5.96 21.54
CA SER B 341 4.35 4.62 21.84
C SER B 341 5.45 3.56 21.95
N VAL B 342 6.71 3.98 22.04
CA VAL B 342 7.83 3.06 22.22
C VAL B 342 8.72 3.62 23.32
N ALA B 343 9.38 2.72 24.05
CA ALA B 343 10.35 3.09 25.07
C ALA B 343 11.74 2.62 24.68
N TRP B 344 12.74 3.42 25.04
CA TRP B 344 14.11 3.25 24.57
C TRP B 344 15.02 3.15 25.79
N PHE B 345 15.90 2.14 25.78
CA PHE B 345 16.77 1.83 26.90
C PHE B 345 18.20 1.70 26.44
N ARG B 346 19.13 2.12 27.28
CA ARG B 346 20.54 1.86 27.09
C ARG B 346 20.95 0.64 27.91
N VAL B 347 21.76 -0.23 27.31
CA VAL B 347 22.27 -1.40 28.03
C VAL B 347 23.45 -0.96 28.88
N ASP B 348 23.31 -1.08 30.20
CA ASP B 348 24.34 -0.65 31.15
C ASP B 348 24.97 -1.91 31.73
N HIS B 349 25.96 -2.44 31.01
CA HIS B 349 26.65 -3.66 31.44
C HIS B 349 28.01 -3.68 30.78
N PRO B 350 29.04 -4.23 31.44
CA PRO B 350 30.38 -4.22 30.87
C PRO B 350 30.56 -5.17 29.67
N GLU B 351 29.75 -6.22 29.56
CA GLU B 351 29.94 -7.15 28.45
C GLU B 351 28.68 -7.38 27.63
N LEU B 352 27.51 -7.44 28.25
CA LEU B 352 26.29 -7.80 27.54
C LEU B 352 25.92 -6.76 26.51
N THR B 353 25.47 -7.22 25.35
CA THR B 353 24.94 -6.37 24.29
C THR B 353 23.43 -6.48 24.23
N ALA B 354 22.83 -5.60 23.43
CA ALA B 354 21.40 -5.69 23.16
C ALA B 354 21.04 -7.03 22.52
N THR B 355 21.92 -7.55 21.68
CA THR B 355 21.70 -8.86 21.08
C THR B 355 21.63 -9.94 22.14
N ASP B 356 22.55 -9.87 23.13
CA ASP B 356 22.50 -10.81 24.26
C ASP B 356 21.19 -10.66 25.04
N VAL B 357 20.78 -9.41 25.31
CA VAL B 357 19.55 -9.17 26.06
C VAL B 357 18.35 -9.70 25.30
N HIS B 358 18.30 -9.47 23.99
CA HIS B 358 17.19 -10.00 23.19
C HIS B 358 17.16 -11.53 23.24
N ARG B 359 18.32 -12.15 23.15
CA ARG B 359 18.38 -13.61 23.19
C ARG B 359 17.89 -14.15 24.53
N LEU B 360 18.32 -13.51 25.63
CA LEU B 360 17.94 -13.99 26.95
C LEU B 360 16.46 -13.77 27.22
N LEU B 361 15.91 -12.63 26.79
CA LEU B 361 14.50 -12.38 27.04
C LEU B 361 13.61 -13.27 26.17
N SER B 362 14.00 -13.47 24.91
CA SER B 362 13.18 -14.27 24.01
C SER B 362 13.17 -15.74 24.42
N ALA B 363 14.25 -16.23 25.05
CA ALA B 363 14.27 -17.62 25.52
C ALA B 363 13.20 -17.87 26.58
N ASP B 364 12.74 -16.82 27.27
CA ASP B 364 11.66 -16.93 28.22
C ASP B 364 10.37 -16.29 27.72
N GLY B 365 10.29 -16.00 26.42
CA GLY B 365 9.04 -15.60 25.82
C GLY B 365 8.78 -14.12 25.74
N VAL B 366 9.77 -13.27 26.02
CA VAL B 366 9.60 -11.82 25.95
C VAL B 366 10.40 -11.33 24.75
N TYR B 367 9.74 -10.67 23.82
CA TYR B 367 10.36 -10.26 22.57
C TYR B 367 10.46 -8.74 22.53
N VAL B 368 11.69 -8.23 22.56
CA VAL B 368 11.97 -6.81 22.40
C VAL B 368 12.80 -6.65 21.12
N LEU B 369 13.16 -5.41 20.79
CA LEU B 369 14.02 -5.20 19.62
C LEU B 369 15.39 -4.69 20.05
N PRO B 370 16.46 -5.32 19.59
CA PRO B 370 17.79 -4.75 19.80
C PRO B 370 17.94 -3.46 19.03
N GLY B 371 18.77 -2.57 19.57
CA GLY B 371 18.98 -1.26 18.97
C GLY B 371 19.67 -1.31 17.61
N ARG B 372 20.25 -2.45 17.25
CA ARG B 372 20.87 -2.60 15.93
C ARG B 372 19.92 -2.22 14.81
N TYR B 373 18.61 -2.43 15.00
CA TYR B 373 17.59 -2.14 14.00
C TYR B 373 17.27 -0.65 13.91
N PHE B 374 18.02 0.20 14.60
CA PHE B 374 17.79 1.64 14.50
C PHE B 374 19.04 2.41 14.15
N TYR B 375 20.22 1.80 14.26
CA TYR B 375 21.46 2.43 13.81
C TYR B 375 21.83 1.88 12.44
N TRP B 376 21.06 2.31 11.45
CA TRP B 376 21.07 1.69 10.13
C TRP B 376 22.40 1.90 9.40
N SER B 377 23.17 2.94 9.73
CA SER B 377 24.45 3.10 9.03
C SER B 377 25.57 2.29 9.66
N GLU B 378 25.38 1.83 10.90
CA GLU B 378 26.44 1.25 11.69
C GLU B 378 25.74 0.44 12.79
N PRO B 379 25.18 -0.73 12.45
CA PRO B 379 24.29 -1.42 13.40
C PRO B 379 24.95 -1.74 14.73
N SER B 380 26.27 -1.94 14.77
CA SER B 380 26.92 -2.22 16.05
C SER B 380 26.67 -1.13 17.09
N LYS B 381 26.50 0.13 16.64
CA LYS B 381 26.18 1.20 17.58
C LYS B 381 24.92 0.87 18.37
N GLY B 382 23.97 0.21 17.72
CA GLY B 382 22.73 -0.14 18.36
C GLY B 382 22.82 -1.30 19.31
N ASP B 383 23.95 -1.99 19.39
CA ASP B 383 24.03 -3.03 20.41
C ASP B 383 24.12 -2.46 21.81
N ALA B 384 24.12 -1.14 21.96
CA ALA B 384 24.03 -0.51 23.27
C ALA B 384 22.60 -0.15 23.67
N TYR B 385 21.59 -0.50 22.88
CA TYR B 385 20.23 -0.04 23.15
C TYR B 385 19.19 -1.12 22.89
N VAL B 386 18.01 -0.93 23.48
CA VAL B 386 16.86 -1.82 23.29
C VAL B 386 15.61 -0.97 23.18
N ARG B 387 14.71 -1.34 22.27
CA ARG B 387 13.38 -0.71 22.16
C ARG B 387 12.27 -1.66 22.57
N MET B 388 11.27 -1.12 23.29
CA MET B 388 10.09 -1.87 23.70
CA MET B 388 10.09 -1.87 23.69
C MET B 388 8.83 -1.15 23.23
N ALA B 389 7.87 -1.91 22.72
CA ALA B 389 6.59 -1.37 22.30
C ALA B 389 5.67 -1.16 23.50
N LEU B 390 4.98 -0.02 23.53
CA LEU B 390 4.06 0.33 24.60
C LEU B 390 2.59 0.25 24.21
N ALA B 391 2.27 0.11 22.92
CA ALA B 391 0.87 0.14 22.49
C ALA B 391 0.28 -1.26 22.69
N ARG B 392 -0.05 -1.54 23.94
CA ARG B 392 -0.37 -2.88 24.39
C ARG B 392 -1.41 -2.82 25.49
N GLU B 393 -2.19 -3.88 25.61
CA GLU B 393 -3.08 -4.00 26.77
C GLU B 393 -2.24 -3.94 28.05
N PRO B 394 -2.65 -3.13 29.04
CA PRO B 394 -1.78 -2.93 30.21
C PRO B 394 -1.61 -4.17 31.07
N GLU B 395 -2.63 -5.05 31.15
CA GLU B 395 -2.48 -6.27 31.93
C GLU B 395 -1.38 -7.17 31.34
N MET B 396 -1.43 -7.40 30.02
CA MET B 396 -0.37 -8.13 29.35
C MET B 396 0.98 -7.46 29.55
N PHE B 397 1.02 -6.13 29.38
CA PHE B 397 2.28 -5.42 29.48
C PHE B 397 2.89 -5.55 30.87
N ALA B 398 2.07 -5.45 31.91
CA ALA B 398 2.58 -5.56 33.27
C ALA B 398 3.11 -6.97 33.55
N ASP B 399 2.41 -7.99 33.06
CA ASP B 399 2.94 -9.35 33.17
C ASP B 399 4.26 -9.49 32.44
N ALA B 400 4.35 -8.92 31.24
CA ALA B 400 5.61 -8.94 30.50
C ALA B 400 6.73 -8.28 31.29
N MET B 401 6.42 -7.15 31.95
CA MET B 401 7.44 -6.44 32.70
CA MET B 401 7.44 -6.44 32.71
C MET B 401 7.94 -7.26 33.88
N ALA B 402 7.04 -7.93 34.61
CA ALA B 402 7.46 -8.72 35.75
C ALA B 402 8.41 -9.83 35.31
N LEU B 403 8.08 -10.49 34.18
CA LEU B 403 8.95 -11.52 33.64
C LEU B 403 10.28 -10.95 33.18
N THR B 404 10.25 -9.79 32.53
CA THR B 404 11.47 -9.17 32.02
C THR B 404 12.46 -8.92 33.16
N ARG B 405 12.00 -8.31 34.25
CA ARG B 405 12.90 -8.04 35.36
C ARG B 405 13.39 -9.34 36.01
N GLN B 406 12.52 -10.36 36.06
CA GLN B 406 12.96 -11.65 36.60
C GLN B 406 14.09 -12.22 35.78
N VAL B 407 13.98 -12.16 34.45
CA VAL B 407 15.04 -12.67 33.59
C VAL B 407 16.32 -11.85 33.78
N LEU B 408 16.18 -10.52 33.78
CA LEU B 408 17.35 -9.65 33.88
C LEU B 408 18.08 -9.83 35.20
N ASP B 409 17.34 -10.10 36.29
CA ASP B 409 17.96 -10.23 37.61
C ASP B 409 18.85 -11.46 37.74
N ARG B 410 18.81 -12.38 36.78
CA ARG B 410 19.62 -13.59 36.85
C ARG B 410 21.06 -13.32 36.43
#